data_3O05
#
_entry.id   3O05
#
_cell.length_a   58.972
_cell.length_b   109.421
_cell.length_c   155.389
_cell.angle_alpha   90.00
_cell.angle_beta   90.00
_cell.angle_gamma   90.00
#
_symmetry.space_group_name_H-M   'P 2 21 21'
#
loop_
_entity.id
_entity.type
_entity.pdbx_description
1 polymer 'Pyridoxine biosynthesis protein SNZ1'
2 non-polymer "PYRIDOXAL-5'-PHOSPHATE"
3 water water
#
_entity_poly.entity_id   1
_entity_poly.type   'polypeptide(L)'
_entity_poly.pdbx_seq_one_letter_code
;MHHHHHHGMLKGGVIMDVVTPEQAKIAEKSGACAVMALESIPADMRKSGKVCRMSDPKMIKDIMNSVSIPVMAKVRIGHF
VEAQIIEALEVDYIDESEVLTPADWTHHIEKDKFKVPFVCGAKDLGEALRRINEGAAMIRTKGEAGTGDVSEAVKHIRRI
TEEIKACQQLKSEDDIAKVAEEMRVPVSLLKDVLEKGKLPVVNFAAGGVATPADAALLMQLGCDGVFVGSGIFKSSNPVR
LATAVVEATTHFDNPSKLLEVSSDLGELMGGVSIESISHASNGVRLSEIGW
;
_entity_poly.pdbx_strand_id   A,B,C
#
# COMPACT_ATOMS: atom_id res chain seq x y z
N MET A 9 -27.01 16.77 33.02
CA MET A 9 -27.21 15.32 33.11
C MET A 9 -25.89 14.59 33.39
N LEU A 10 -24.93 14.75 32.48
CA LEU A 10 -23.54 14.37 32.76
C LEU A 10 -22.80 15.60 33.24
N LYS A 11 -23.43 16.76 33.06
CA LYS A 11 -22.85 18.04 33.45
C LYS A 11 -22.28 17.99 34.85
N GLY A 12 -21.05 18.47 35.01
CA GLY A 12 -20.38 18.50 36.30
C GLY A 12 -19.82 17.15 36.70
N GLY A 13 -19.78 16.21 35.77
CA GLY A 13 -19.40 14.85 36.10
C GLY A 13 -18.05 14.44 35.53
N VAL A 14 -17.58 13.29 36.00
CA VAL A 14 -16.38 12.68 35.47
C VAL A 14 -16.75 11.40 34.73
N ILE A 15 -16.29 11.28 33.49
CA ILE A 15 -16.42 10.02 32.75
C ILE A 15 -15.10 9.30 32.74
N MET A 16 -15.10 8.03 33.13
CA MET A 16 -13.86 7.30 33.25
C MET A 16 -13.75 6.16 32.25
N ASP A 17 -12.59 6.06 31.62
CA ASP A 17 -12.25 4.93 30.75
C ASP A 17 -12.05 3.68 31.57
N VAL A 18 -12.67 2.58 31.15
CA VAL A 18 -12.51 1.32 31.87
C VAL A 18 -12.34 0.18 30.88
N VAL A 19 -11.51 -0.78 31.22
CA VAL A 19 -11.21 -1.87 30.29
C VAL A 19 -11.73 -3.22 30.79
N THR A 20 -12.32 -3.22 31.99
CA THR A 20 -12.93 -4.44 32.56
C THR A 20 -14.16 -4.08 33.38
N PRO A 21 -15.01 -5.07 33.67
CA PRO A 21 -16.17 -4.86 34.55
C PRO A 21 -15.78 -4.41 35.95
N GLU A 22 -14.68 -4.94 36.48
CA GLU A 22 -14.23 -4.54 37.81
C GLU A 22 -13.75 -3.09 37.85
N GLN A 23 -13.13 -2.64 36.76
CA GLN A 23 -12.74 -1.24 36.70
C GLN A 23 -13.98 -0.35 36.66
N ALA A 24 -14.99 -0.78 35.89
CA ALA A 24 -16.25 -0.04 35.84
C ALA A 24 -16.90 0.08 37.23
N LYS A 25 -16.85 -0.99 38.03
CA LYS A 25 -17.41 -0.93 39.39
C LYS A 25 -16.69 0.09 40.25
N ILE A 26 -15.36 0.09 40.15
CA ILE A 26 -14.58 1.08 40.87
C ILE A 26 -15.00 2.47 40.45
N ALA A 27 -15.10 2.71 39.14
CA ALA A 27 -15.53 4.02 38.64
C ALA A 27 -16.86 4.42 39.25
N GLU A 28 -17.82 3.51 39.20
CA GLU A 28 -19.13 3.79 39.73
C GLU A 28 -19.09 4.12 41.22
N LYS A 29 -18.44 3.27 42.01
CA LYS A 29 -18.26 3.53 43.44
C LYS A 29 -17.61 4.88 43.72
N SER A 30 -16.64 5.26 42.90
CA SER A 30 -15.93 6.52 43.09
C SER A 30 -16.79 7.73 42.83
N GLY A 31 -17.91 7.52 42.15
CA GLY A 31 -18.79 8.64 41.85
C GLY A 31 -18.73 9.12 40.42
N ALA A 32 -18.10 8.34 39.53
CA ALA A 32 -18.13 8.67 38.11
C ALA A 32 -19.58 8.83 37.65
N CYS A 33 -19.85 9.80 36.78
CA CYS A 33 -21.20 9.94 36.23
C CYS A 33 -21.42 9.00 35.04
N ALA A 34 -20.34 8.47 34.47
CA ALA A 34 -20.46 7.51 33.38
C ALA A 34 -19.15 6.83 33.14
N VAL A 35 -19.20 5.75 32.39
CA VAL A 35 -18.00 5.01 32.11
C VAL A 35 -17.81 4.89 30.59
N MET A 36 -16.56 4.84 30.16
CA MET A 36 -16.24 4.72 28.74
C MET A 36 -15.61 3.36 28.53
N ALA A 37 -16.37 2.43 27.94
CA ALA A 37 -15.91 1.06 27.75
C ALA A 37 -14.92 0.96 26.59
N LEU A 38 -13.74 0.41 26.84
CA LEU A 38 -12.80 0.09 25.77
C LEU A 38 -11.94 -1.12 26.10
N GLU A 39 -11.70 -1.96 25.10
CA GLU A 39 -11.06 -3.26 25.33
C GLU A 39 -9.55 -3.10 25.41
N SER A 40 -9.06 -1.95 25.01
CA SER A 40 -7.65 -1.76 24.83
C SER A 40 -7.38 -0.29 25.04
N ILE A 41 -6.26 0.03 25.67
CA ILE A 41 -5.87 1.42 25.81
C ILE A 41 -5.25 1.89 24.50
N PRO A 42 -5.97 2.76 23.77
CA PRO A 42 -5.51 3.17 22.44
C PRO A 42 -4.16 3.86 22.52
N ALA A 43 -3.86 4.47 23.66
CA ALA A 43 -2.56 5.11 23.86
C ALA A 43 -1.43 4.11 23.64
N ASP A 44 -1.55 2.94 24.27
CA ASP A 44 -0.56 1.88 24.16
C ASP A 44 -0.53 1.28 22.75
N MET A 45 -1.72 0.98 22.25
CA MET A 45 -1.91 0.50 20.89
C MET A 45 -1.28 1.46 19.89
N ARG A 46 -1.58 2.74 20.05
CA ARG A 46 -1.08 3.80 19.18
C ARG A 46 0.45 3.77 19.11
N LYS A 47 1.09 3.67 20.27
CA LYS A 47 2.55 3.62 20.34
C LYS A 47 3.09 2.29 19.83
N SER A 48 2.19 1.35 19.55
CA SER A 48 2.58 0.07 18.96
C SER A 48 2.40 0.06 17.44
N GLY A 49 1.82 1.14 16.91
CA GLY A 49 1.51 1.21 15.49
C GLY A 49 0.27 0.42 15.10
N LYS A 50 -0.35 -0.23 16.09
CA LYS A 50 -1.53 -1.07 15.84
C LYS A 50 -2.74 -0.25 15.41
N VAL A 51 -3.64 -0.88 14.66
CA VAL A 51 -4.89 -0.24 14.31
C VAL A 51 -5.85 -0.41 15.50
N CYS A 52 -6.43 0.69 15.98
CA CYS A 52 -7.41 0.63 17.06
C CYS A 52 -8.80 0.93 16.55
N ARG A 53 -9.72 0.00 16.82
CA ARG A 53 -11.07 0.02 16.28
C ARG A 53 -12.09 0.03 17.42
N MET A 54 -13.37 0.07 17.05
CA MET A 54 -14.45 -0.25 17.95
C MET A 54 -14.08 -1.51 18.76
N SER A 55 -14.38 -1.49 20.05
CA SER A 55 -14.20 -2.66 20.89
C SER A 55 -15.22 -3.75 20.60
N ASP A 56 -14.89 -5.00 20.94
CA ASP A 56 -15.80 -6.12 20.76
C ASP A 56 -17.06 -5.85 21.58
N PRO A 57 -18.22 -5.87 20.92
CA PRO A 57 -19.50 -5.62 21.58
C PRO A 57 -19.72 -6.49 22.83
N LYS A 58 -19.17 -7.70 22.84
CA LYS A 58 -19.29 -8.53 24.02
C LYS A 58 -18.59 -7.94 25.25
N MET A 59 -17.41 -7.36 25.06
CA MET A 59 -16.72 -6.70 26.15
C MET A 59 -17.48 -5.47 26.62
N ILE A 60 -18.08 -4.74 25.69
CA ILE A 60 -18.82 -3.55 26.06
C ILE A 60 -20.07 -3.97 26.85
N LYS A 61 -20.72 -5.04 26.40
CA LYS A 61 -21.95 -5.49 27.03
C LYS A 61 -21.69 -5.98 28.46
N ASP A 62 -20.53 -6.62 28.67
CA ASP A 62 -20.14 -7.09 30.01
C ASP A 62 -19.94 -5.91 30.95
N ILE A 63 -19.51 -4.78 30.42
CA ILE A 63 -19.37 -3.58 31.24
C ILE A 63 -20.77 -2.98 31.51
N MET A 64 -21.61 -2.92 30.49
CA MET A 64 -22.98 -2.41 30.66
C MET A 64 -23.74 -3.19 31.73
N ASN A 65 -23.46 -4.48 31.84
CA ASN A 65 -24.12 -5.34 32.79
C ASN A 65 -23.59 -5.19 34.20
N SER A 66 -22.48 -4.48 34.37
CA SER A 66 -21.84 -4.45 35.68
C SER A 66 -22.09 -3.17 36.50
N VAL A 67 -22.71 -2.17 35.87
CA VAL A 67 -22.93 -0.88 36.53
C VAL A 67 -24.27 -0.31 36.10
N SER A 68 -24.79 0.65 36.84
CA SER A 68 -26.06 1.25 36.46
C SER A 68 -25.94 2.71 35.99
N ILE A 69 -24.72 3.21 35.93
CA ILE A 69 -24.50 4.50 35.31
C ILE A 69 -24.38 4.31 33.80
N PRO A 70 -24.55 5.39 33.03
CA PRO A 70 -24.47 5.29 31.57
C PRO A 70 -23.11 4.77 31.07
N VAL A 71 -23.14 4.06 29.96
CA VAL A 71 -21.93 3.55 29.33
C VAL A 71 -21.70 4.18 27.96
N MET A 72 -20.48 4.62 27.69
CA MET A 72 -20.11 5.12 26.38
C MET A 72 -19.17 4.13 25.68
N ALA A 73 -19.11 4.17 24.35
CA ALA A 73 -18.13 3.40 23.60
C ALA A 73 -17.64 4.27 22.45
N LYS A 74 -16.42 4.02 22.01
CA LYS A 74 -15.78 4.77 20.93
C LYS A 74 -15.96 4.08 19.59
N VAL A 75 -16.01 4.88 18.53
CA VAL A 75 -15.94 4.35 17.18
C VAL A 75 -14.90 5.19 16.45
N ARG A 76 -14.34 4.66 15.36
CA ARG A 76 -13.39 5.42 14.56
C ARG A 76 -14.08 6.56 13.83
N ILE A 77 -13.38 7.68 13.71
CA ILE A 77 -13.88 8.79 12.92
C ILE A 77 -14.34 8.33 11.54
N GLY A 78 -15.58 8.71 11.19
CA GLY A 78 -16.13 8.37 9.90
C GLY A 78 -16.70 6.96 9.82
N HIS A 79 -16.53 6.16 10.86
CA HIS A 79 -16.99 4.77 10.77
C HIS A 79 -18.44 4.61 11.21
N PHE A 80 -19.37 4.91 10.31
CA PHE A 80 -20.77 4.95 10.67
C PHE A 80 -21.35 3.55 10.86
N VAL A 81 -20.68 2.52 10.31
CA VAL A 81 -21.12 1.16 10.57
C VAL A 81 -20.77 0.68 11.98
N GLU A 82 -19.56 0.99 12.45
CA GLU A 82 -19.25 0.75 13.86
C GLU A 82 -20.31 1.45 14.74
N ALA A 83 -20.69 2.66 14.37
CA ALA A 83 -21.65 3.40 15.18
C ALA A 83 -23.04 2.73 15.13
N GLN A 84 -23.44 2.20 13.97
CA GLN A 84 -24.73 1.51 13.83
C GLN A 84 -24.75 0.29 14.72
N ILE A 85 -23.63 -0.41 14.77
CA ILE A 85 -23.49 -1.57 15.65
C ILE A 85 -23.57 -1.22 17.15
N ILE A 86 -22.86 -0.17 17.54
CA ILE A 86 -22.82 0.25 18.95
C ILE A 86 -24.21 0.75 19.34
N GLU A 87 -24.88 1.42 18.41
CA GLU A 87 -26.23 1.90 18.64
C GLU A 87 -27.20 0.73 18.87
N ALA A 88 -27.07 -0.31 18.05
CA ALA A 88 -27.91 -1.50 18.16
C ALA A 88 -27.63 -2.19 19.50
N LEU A 89 -26.42 -2.02 19.98
CA LEU A 89 -26.05 -2.57 21.28
C LEU A 89 -26.71 -1.82 22.44
N GLU A 90 -27.21 -0.61 22.16
CA GLU A 90 -27.87 0.23 23.17
C GLU A 90 -26.93 0.82 24.23
N VAL A 91 -25.72 1.19 23.83
CA VAL A 91 -24.89 2.01 24.71
C VAL A 91 -25.57 3.36 24.83
N ASP A 92 -25.20 4.15 25.83
CA ASP A 92 -25.87 5.43 26.05
C ASP A 92 -25.30 6.59 25.23
N TYR A 93 -24.02 6.50 24.90
CA TYR A 93 -23.36 7.56 24.12
C TYR A 93 -22.30 6.95 23.23
N ILE A 94 -22.05 7.59 22.10
CA ILE A 94 -21.00 7.15 21.21
C ILE A 94 -19.97 8.25 21.09
N ASP A 95 -18.71 7.91 21.33
CA ASP A 95 -17.63 8.91 21.20
C ASP A 95 -16.97 8.64 19.87
N GLU A 96 -17.14 9.55 18.92
CA GLU A 96 -16.46 9.44 17.64
C GLU A 96 -15.03 9.96 17.87
N SER A 97 -14.10 9.04 18.04
CA SER A 97 -12.84 9.38 18.71
C SER A 97 -11.59 9.38 17.84
N GLU A 98 -10.88 10.49 17.87
CA GLU A 98 -9.60 10.63 17.17
C GLU A 98 -8.50 9.79 17.84
N VAL A 99 -8.80 9.23 18.99
CA VAL A 99 -7.85 8.31 19.65
C VAL A 99 -7.79 6.94 18.97
N LEU A 100 -8.90 6.50 18.37
CA LEU A 100 -8.90 5.32 17.53
C LEU A 100 -8.33 5.71 16.16
N THR A 101 -7.96 4.73 15.35
CA THR A 101 -7.46 4.96 14.00
C THR A 101 -8.61 5.44 13.08
N PRO A 102 -8.51 6.66 12.52
CA PRO A 102 -9.61 7.16 11.68
C PRO A 102 -9.93 6.24 10.52
N ALA A 103 -11.22 6.06 10.25
CA ALA A 103 -11.67 5.24 9.13
C ALA A 103 -11.90 6.10 7.89
N ASP A 104 -12.26 7.36 8.10
CA ASP A 104 -12.51 8.27 6.99
C ASP A 104 -11.78 9.55 7.31
N TRP A 105 -10.79 9.92 6.50
CA TRP A 105 -10.00 11.12 6.75
C TRP A 105 -10.67 12.38 6.19
N THR A 106 -11.80 12.19 5.52
CA THR A 106 -12.51 13.31 4.91
C THR A 106 -13.85 13.62 5.62
N HIS A 107 -14.62 12.58 5.92
CA HIS A 107 -15.97 12.77 6.41
C HIS A 107 -16.14 12.16 7.78
N HIS A 108 -16.70 12.94 8.69
CA HIS A 108 -17.14 12.39 9.96
C HIS A 108 -18.50 11.75 9.75
N ILE A 109 -18.93 10.99 10.74
CA ILE A 109 -20.24 10.36 10.73
C ILE A 109 -21.37 11.41 10.70
N GLU A 110 -22.44 11.06 9.99
CA GLU A 110 -23.64 11.88 9.94
C GLU A 110 -24.45 11.56 11.18
N LYS A 111 -24.09 12.20 12.28
CA LYS A 111 -24.54 11.82 13.61
C LYS A 111 -26.04 12.08 13.80
N ASP A 112 -26.56 13.09 13.10
CA ASP A 112 -27.97 13.45 13.21
C ASP A 112 -28.90 12.43 12.58
N LYS A 113 -28.33 11.36 12.02
CA LYS A 113 -29.16 10.28 11.48
C LYS A 113 -29.27 9.14 12.49
N PHE A 114 -28.64 9.32 13.65
CA PHE A 114 -28.72 8.32 14.71
C PHE A 114 -29.59 8.84 15.83
N LYS A 115 -30.11 7.91 16.63
CA LYS A 115 -30.87 8.30 17.81
C LYS A 115 -29.99 8.43 19.05
N VAL A 116 -28.97 7.59 19.16
CA VAL A 116 -28.01 7.68 20.25
C VAL A 116 -27.22 8.99 20.10
N PRO A 117 -26.96 9.69 21.23
CA PRO A 117 -26.17 10.93 21.19
C PRO A 117 -24.67 10.67 20.97
N PHE A 118 -23.98 11.56 20.28
CA PHE A 118 -22.54 11.44 20.08
C PHE A 118 -21.77 12.52 20.82
N VAL A 119 -20.57 12.19 21.27
CA VAL A 119 -19.61 13.21 21.66
C VAL A 119 -18.48 13.24 20.64
N CYS A 120 -18.04 14.45 20.29
CA CYS A 120 -16.93 14.64 19.36
C CYS A 120 -15.87 15.56 19.95
N GLY A 121 -14.62 15.35 19.53
CA GLY A 121 -13.53 16.23 19.92
C GLY A 121 -13.47 17.46 19.05
N ALA A 122 -12.87 18.53 19.56
CA ALA A 122 -12.64 19.74 18.78
C ALA A 122 -11.44 20.48 19.33
N LYS A 123 -10.61 21.05 18.45
CA LYS A 123 -9.41 21.78 18.84
C LYS A 123 -9.63 23.28 18.78
N ASP A 124 -10.68 23.71 18.07
CA ASP A 124 -10.97 25.14 17.88
C ASP A 124 -12.45 25.33 17.54
N LEU A 125 -12.84 26.57 17.30
CA LEU A 125 -14.26 26.91 17.12
C LEU A 125 -14.83 26.30 15.84
N GLY A 126 -14.10 26.46 14.74
CA GLY A 126 -14.48 25.84 13.48
C GLY A 126 -14.78 24.35 13.63
N GLU A 127 -13.84 23.59 14.20
CA GLU A 127 -14.08 22.16 14.44
C GLU A 127 -15.31 21.89 15.31
N ALA A 128 -15.45 22.64 16.39
CA ALA A 128 -16.58 22.42 17.28
C ALA A 128 -17.89 22.66 16.53
N LEU A 129 -17.95 23.73 15.74
CA LEU A 129 -19.18 24.03 15.00
C LEU A 129 -19.52 23.00 13.89
N ARG A 130 -18.50 22.52 13.18
CA ARG A 130 -18.74 21.46 12.19
C ARG A 130 -19.24 20.19 12.85
N ARG A 131 -18.70 19.80 13.98
CA ARG A 131 -19.15 18.62 14.68
C ARG A 131 -20.58 18.79 15.17
N ILE A 132 -20.88 19.95 15.69
CA ILE A 132 -22.24 20.21 16.12
C ILE A 132 -23.18 20.21 14.91
N ASN A 133 -22.77 20.87 13.84
CA ASN A 133 -23.54 20.88 12.61
C ASN A 133 -23.83 19.45 12.09
N GLU A 134 -22.86 18.54 12.22
CA GLU A 134 -23.04 17.15 11.78
C GLU A 134 -23.96 16.39 12.72
N GLY A 135 -24.20 16.95 13.90
CA GLY A 135 -25.14 16.37 14.84
C GLY A 135 -24.60 15.98 16.21
N ALA A 136 -23.35 16.33 16.51
CA ALA A 136 -22.79 15.99 17.84
C ALA A 136 -23.67 16.55 18.97
N ALA A 137 -23.95 15.75 19.98
CA ALA A 137 -24.71 16.20 21.15
C ALA A 137 -23.83 16.81 22.24
N MET A 138 -22.53 16.56 22.13
CA MET A 138 -21.58 17.00 23.14
C MET A 138 -20.21 17.15 22.49
N ILE A 139 -19.47 18.16 22.93
CA ILE A 139 -18.12 18.43 22.45
C ILE A 139 -17.16 18.19 23.61
N ARG A 140 -15.96 17.76 23.27
CA ARG A 140 -14.90 17.65 24.25
C ARG A 140 -13.59 18.11 23.61
N THR A 141 -12.65 18.59 24.40
CA THR A 141 -11.33 18.94 23.85
C THR A 141 -10.67 17.68 23.31
N LYS A 142 -9.72 17.83 22.43
CA LYS A 142 -8.99 16.69 21.94
C LYS A 142 -7.76 16.38 22.81
N GLY A 143 -7.32 17.31 23.59
CA GLY A 143 -6.19 17.10 24.47
C GLY A 143 -5.16 16.19 23.80
N GLU A 144 -4.38 15.50 24.63
CA GLU A 144 -3.33 14.63 24.15
C GLU A 144 -3.42 13.34 24.94
N ALA A 145 -4.14 12.37 24.39
CA ALA A 145 -4.53 11.18 25.13
C ALA A 145 -3.34 10.29 25.52
N GLY A 146 -3.37 9.78 26.75
CA GLY A 146 -2.30 8.94 27.26
C GLY A 146 -0.99 9.61 27.68
N THR A 147 -0.90 10.93 27.57
CA THR A 147 0.35 11.61 27.93
C THR A 147 0.39 12.14 29.35
N GLY A 148 -0.79 12.31 29.97
CA GLY A 148 -0.89 12.90 31.29
C GLY A 148 -0.45 14.36 31.33
N ASP A 149 -0.38 14.99 30.15
CA ASP A 149 0.00 16.40 30.04
C ASP A 149 -1.24 17.22 29.68
N VAL A 150 -1.66 18.07 30.59
CA VAL A 150 -2.95 18.74 30.49
C VAL A 150 -2.95 19.90 29.49
N SER A 151 -1.77 20.29 29.03
CA SER A 151 -1.63 21.55 28.27
C SER A 151 -2.35 21.58 26.93
N GLU A 152 -2.50 20.44 26.26
CA GLU A 152 -3.25 20.40 25.00
C GLU A 152 -4.74 20.64 25.22
N ALA A 153 -5.31 20.00 26.23
CA ALA A 153 -6.70 20.26 26.60
C ALA A 153 -6.90 21.74 26.97
N VAL A 154 -5.96 22.31 27.71
CA VAL A 154 -6.05 23.70 28.12
C VAL A 154 -6.03 24.56 26.88
N LYS A 155 -5.11 24.24 25.99
CA LYS A 155 -4.98 25.01 24.76
C LYS A 155 -6.29 25.03 23.95
N HIS A 156 -6.98 23.90 23.89
CA HIS A 156 -8.18 23.84 23.08
C HIS A 156 -9.32 24.65 23.68
N ILE A 157 -9.51 24.54 24.99
CA ILE A 157 -10.60 25.25 25.64
C ILE A 157 -10.33 26.76 25.54
N ARG A 158 -9.08 27.16 25.77
CA ARG A 158 -8.68 28.56 25.59
C ARG A 158 -8.92 29.05 24.17
N ARG A 159 -8.58 28.22 23.18
CA ARG A 159 -8.72 28.64 21.79
C ARG A 159 -10.18 28.85 21.37
N ILE A 160 -11.05 27.94 21.75
CA ILE A 160 -12.45 28.07 21.45
C ILE A 160 -12.99 29.36 22.08
N THR A 161 -12.69 29.58 23.36
CA THR A 161 -13.12 30.78 24.07
C THR A 161 -12.60 32.04 23.37
N GLU A 162 -11.33 32.03 23.02
CA GLU A 162 -10.72 33.17 22.34
C GLU A 162 -11.35 33.46 20.98
N GLU A 163 -11.60 32.41 20.20
CA GLU A 163 -12.17 32.61 18.88
C GLU A 163 -13.60 33.14 18.98
N ILE A 164 -14.35 32.66 19.97
CA ILE A 164 -15.70 33.15 20.18
C ILE A 164 -15.61 34.66 20.46
N LYS A 165 -14.70 35.04 21.34
CA LYS A 165 -14.59 36.45 21.69
C LYS A 165 -14.17 37.29 20.49
N ALA A 166 -13.21 36.80 19.73
CA ALA A 166 -12.76 37.50 18.54
C ALA A 166 -13.89 37.68 17.51
N CYS A 167 -14.72 36.65 17.33
CA CYS A 167 -15.85 36.75 16.42
C CYS A 167 -16.89 37.76 16.90
N GLN A 168 -17.00 37.92 18.21
CA GLN A 168 -17.94 38.85 18.82
C GLN A 168 -17.50 40.29 18.55
N GLN A 169 -16.23 40.45 18.19
CA GLN A 169 -15.66 41.75 17.87
C GLN A 169 -16.00 42.20 16.44
N LEU A 170 -16.38 41.26 15.59
CA LEU A 170 -16.81 41.59 14.24
C LEU A 170 -18.19 42.24 14.30
N LYS A 171 -18.41 43.27 13.50
CA LYS A 171 -19.76 43.83 13.43
C LYS A 171 -20.37 43.90 12.03
N SER A 172 -19.63 43.48 11.03
CA SER A 172 -20.28 43.18 9.77
C SER A 172 -20.87 41.77 9.88
N GLU A 173 -22.16 41.66 9.68
CA GLU A 173 -22.84 40.38 9.49
C GLU A 173 -22.28 39.66 8.26
N ASP A 174 -21.81 40.43 7.30
CA ASP A 174 -21.15 39.86 6.14
C ASP A 174 -19.84 39.18 6.55
N ASP A 175 -19.06 39.88 7.37
CA ASP A 175 -17.84 39.29 7.93
C ASP A 175 -18.14 38.01 8.70
N ILE A 176 -19.18 38.04 9.51
CA ILE A 176 -19.63 36.84 10.20
C ILE A 176 -19.92 35.72 9.20
N ALA A 177 -20.71 36.03 8.17
CA ALA A 177 -21.06 35.06 7.15
C ALA A 177 -19.84 34.51 6.42
N LYS A 178 -18.84 35.36 6.21
CA LYS A 178 -17.59 34.91 5.60
C LYS A 178 -16.84 33.95 6.50
N VAL A 179 -16.86 34.22 7.80
CA VAL A 179 -16.27 33.31 8.78
C VAL A 179 -17.00 31.98 8.77
N ALA A 180 -18.33 32.01 8.76
CA ALA A 180 -19.11 30.78 8.72
C ALA A 180 -18.81 29.96 7.46
N GLU A 181 -18.63 30.63 6.34
CA GLU A 181 -18.34 29.95 5.09
C GLU A 181 -16.96 29.29 5.18
N GLU A 182 -15.98 30.02 5.68
CA GLU A 182 -14.66 29.46 5.90
C GLU A 182 -14.73 28.24 6.84
N MET A 183 -15.60 28.30 7.85
CA MET A 183 -15.73 27.20 8.80
C MET A 183 -16.59 26.08 8.21
N ARG A 184 -17.29 26.37 7.11
CA ARG A 184 -18.17 25.38 6.48
C ARG A 184 -19.34 25.03 7.38
N VAL A 185 -19.95 26.05 7.99
CA VAL A 185 -21.14 25.84 8.80
C VAL A 185 -22.20 26.91 8.50
N PRO A 186 -23.49 26.60 8.78
CA PRO A 186 -24.55 27.58 8.57
C PRO A 186 -24.32 28.83 9.43
N VAL A 187 -24.49 29.99 8.83
CA VAL A 187 -24.26 31.25 9.53
C VAL A 187 -25.12 31.37 10.80
N SER A 188 -26.29 30.75 10.80
CA SER A 188 -27.18 30.78 11.96
C SER A 188 -26.55 30.09 13.17
N LEU A 189 -25.79 29.03 12.93
CA LEU A 189 -25.07 28.34 13.98
C LEU A 189 -24.03 29.27 14.60
N LEU A 190 -23.22 29.89 13.74
CA LEU A 190 -22.19 30.78 14.22
C LEU A 190 -22.79 31.97 14.97
N LYS A 191 -23.90 32.50 14.44
CA LYS A 191 -24.53 33.66 15.05
C LYS A 191 -25.08 33.33 16.43
N ASP A 192 -25.66 32.15 16.58
CA ASP A 192 -26.17 31.73 17.89
C ASP A 192 -25.03 31.71 18.94
N VAL A 193 -23.90 31.13 18.56
CA VAL A 193 -22.73 31.06 19.43
C VAL A 193 -22.25 32.47 19.81
N LEU A 194 -22.20 33.39 18.84
CA LEU A 194 -21.76 34.76 19.11
C LEU A 194 -22.68 35.56 20.05
N GLU A 195 -23.98 35.30 19.97
CA GLU A 195 -24.95 35.95 20.84
C GLU A 195 -24.84 35.39 22.25
N LYS A 196 -24.79 34.10 22.42
CA LYS A 196 -24.81 33.53 23.73
C LYS A 196 -23.44 33.41 24.30
N GLY A 197 -22.49 33.72 23.49
CA GLY A 197 -21.12 33.66 23.98
C GLY A 197 -20.60 32.27 24.35
N LYS A 198 -21.22 31.22 23.82
CA LYS A 198 -20.87 29.86 24.20
C LYS A 198 -21.44 28.87 23.18
N LEU A 199 -20.90 27.66 23.19
CA LEU A 199 -21.41 26.59 22.31
C LEU A 199 -22.80 26.20 22.75
N PRO A 200 -23.64 25.77 21.80
CA PRO A 200 -25.00 25.32 22.09
C PRO A 200 -25.05 23.95 22.78
N VAL A 201 -23.90 23.30 23.00
CA VAL A 201 -23.89 22.03 23.71
C VAL A 201 -22.82 22.06 24.79
N VAL A 202 -22.85 21.10 25.70
CA VAL A 202 -21.80 21.04 26.72
C VAL A 202 -20.43 20.76 26.10
N ASN A 203 -19.41 21.33 26.71
CA ASN A 203 -18.01 21.12 26.31
C ASN A 203 -17.20 20.49 27.46
N PHE A 204 -16.77 19.25 27.30
CA PHE A 204 -16.06 18.55 28.35
C PHE A 204 -14.55 18.61 28.14
N ALA A 205 -13.79 18.51 29.23
CA ALA A 205 -12.33 18.40 29.12
C ALA A 205 -11.96 16.95 28.88
N ALA A 206 -11.03 16.71 27.97
CA ALA A 206 -10.56 15.36 27.72
C ALA A 206 -9.14 15.37 27.19
N GLY A 207 -8.37 14.37 27.61
CA GLY A 207 -7.02 14.17 27.11
C GLY A 207 -5.99 14.81 28.02
N GLY A 208 -5.25 13.98 28.76
CA GLY A 208 -4.15 14.48 29.57
C GLY A 208 -4.55 14.99 30.95
N VAL A 209 -5.78 14.75 31.37
CA VAL A 209 -6.19 15.08 32.75
C VAL A 209 -5.64 13.99 33.67
N ALA A 210 -4.61 14.32 34.43
CA ALA A 210 -3.91 13.33 35.22
C ALA A 210 -4.15 13.48 36.72
N THR A 211 -4.39 14.71 37.18
CA THR A 211 -4.52 14.94 38.61
C THR A 211 -5.85 15.61 38.94
N PRO A 212 -6.28 15.51 40.21
CA PRO A 212 -7.41 16.32 40.66
C PRO A 212 -7.25 17.79 40.31
N ALA A 213 -6.04 18.36 40.50
CA ALA A 213 -5.81 19.76 40.15
C ALA A 213 -6.09 20.04 38.67
N ASP A 214 -5.67 19.12 37.81
CA ASP A 214 -5.91 19.24 36.37
C ASP A 214 -7.43 19.29 36.09
N ALA A 215 -8.17 18.43 36.76
CA ALA A 215 -9.62 18.36 36.57
C ALA A 215 -10.27 19.69 36.94
N ALA A 216 -9.90 20.21 38.11
CA ALA A 216 -10.46 21.47 38.61
C ALA A 216 -10.03 22.63 37.71
N LEU A 217 -8.78 22.60 37.24
CA LEU A 217 -8.29 23.64 36.34
C LEU A 217 -9.19 23.75 35.11
N LEU A 218 -9.53 22.62 34.52
CA LEU A 218 -10.35 22.66 33.31
C LEU A 218 -11.78 23.12 33.62
N MET A 219 -12.33 22.70 34.76
CA MET A 219 -13.63 23.21 35.18
C MET A 219 -13.59 24.75 35.32
N GLN A 220 -12.56 25.27 36.00
CA GLN A 220 -12.44 26.73 36.18
C GLN A 220 -12.25 27.45 34.83
N LEU A 221 -11.68 26.76 33.85
CA LEU A 221 -11.55 27.36 32.52
C LEU A 221 -12.87 27.32 31.76
N GLY A 222 -13.87 26.66 32.34
CA GLY A 222 -15.20 26.70 31.76
C GLY A 222 -15.71 25.40 31.17
N CYS A 223 -15.01 24.30 31.37
CA CYS A 223 -15.53 23.02 30.89
C CYS A 223 -16.74 22.62 31.72
N ASP A 224 -17.55 21.72 31.19
CA ASP A 224 -18.77 21.29 31.86
C ASP A 224 -18.60 19.94 32.52
N GLY A 225 -17.44 19.33 32.34
CA GLY A 225 -17.19 18.01 32.90
C GLY A 225 -15.85 17.53 32.41
N VAL A 226 -15.41 16.36 32.87
CA VAL A 226 -14.12 15.85 32.41
C VAL A 226 -14.17 14.36 32.10
N PHE A 227 -13.47 13.98 31.04
CA PHE A 227 -13.10 12.60 30.75
C PHE A 227 -11.71 12.34 31.32
N VAL A 228 -11.55 11.23 32.02
CA VAL A 228 -10.21 10.79 32.43
C VAL A 228 -9.92 9.41 31.85
N GLY A 229 -8.66 9.17 31.52
CA GLY A 229 -8.25 7.95 30.85
C GLY A 229 -7.76 6.86 31.77
N SER A 230 -7.12 5.85 31.18
CA SER A 230 -6.68 4.66 31.91
C SER A 230 -5.54 4.92 32.92
N GLY A 231 -4.93 6.10 32.84
CA GLY A 231 -3.96 6.50 33.85
C GLY A 231 -4.46 6.28 35.27
N ILE A 232 -5.74 6.57 35.52
CA ILE A 232 -6.34 6.33 36.83
C ILE A 232 -5.99 4.95 37.35
N PHE A 233 -6.10 3.96 36.48
CA PHE A 233 -5.95 2.57 36.92
C PHE A 233 -4.53 2.06 36.89
N LYS A 234 -3.62 2.86 36.38
CA LYS A 234 -2.20 2.54 36.46
C LYS A 234 -1.55 3.14 37.70
N SER A 235 -2.28 3.98 38.42
CA SER A 235 -1.75 4.60 39.62
C SER A 235 -1.69 3.55 40.74
N SER A 236 -0.89 3.85 41.76
CA SER A 236 -0.68 2.89 42.86
C SER A 236 -1.91 2.74 43.74
N ASN A 237 -2.90 3.63 43.55
CA ASN A 237 -4.11 3.61 44.36
C ASN A 237 -5.31 4.16 43.57
N PRO A 238 -5.88 3.32 42.67
CA PRO A 238 -6.92 3.72 41.72
C PRO A 238 -8.18 4.28 42.37
N VAL A 239 -8.73 3.59 43.36
CA VAL A 239 -9.94 4.06 44.04
C VAL A 239 -9.74 5.44 44.63
N ARG A 240 -8.60 5.66 45.29
CA ARG A 240 -8.33 6.96 45.91
C ARG A 240 -8.22 8.04 44.85
N LEU A 241 -7.47 7.74 43.78
CA LEU A 241 -7.28 8.72 42.72
C LEU A 241 -8.62 9.02 42.01
N ALA A 242 -9.36 7.97 41.68
CA ALA A 242 -10.66 8.16 41.04
C ALA A 242 -11.57 9.04 41.91
N THR A 243 -11.62 8.75 43.20
CA THR A 243 -12.46 9.52 44.12
C THR A 243 -12.02 10.96 44.19
N ALA A 244 -10.69 11.17 44.22
CA ALA A 244 -10.14 12.52 44.32
C ALA A 244 -10.49 13.33 43.08
N VAL A 245 -10.41 12.68 41.91
CA VAL A 245 -10.75 13.39 40.68
C VAL A 245 -12.25 13.79 40.64
N VAL A 246 -13.13 12.88 41.07
CA VAL A 246 -14.55 13.21 41.15
C VAL A 246 -14.82 14.38 42.11
N GLU A 247 -14.25 14.31 43.31
CA GLU A 247 -14.38 15.39 44.28
C GLU A 247 -13.86 16.72 43.74
N ALA A 248 -12.69 16.71 43.10
CA ALA A 248 -12.14 17.95 42.53
C ALA A 248 -13.04 18.51 41.45
N THR A 249 -13.62 17.63 40.65
CA THR A 249 -14.50 18.09 39.60
C THR A 249 -15.78 18.69 40.20
N THR A 250 -16.28 18.07 41.25
CA THR A 250 -17.45 18.62 41.94
C THR A 250 -17.15 19.94 42.65
N HIS A 251 -16.07 19.97 43.43
CA HIS A 251 -15.75 21.15 44.23
C HIS A 251 -14.60 21.94 43.60
N PHE A 252 -14.75 22.26 42.33
CA PHE A 252 -13.62 22.74 41.54
C PHE A 252 -13.14 24.14 41.91
N ASP A 253 -13.91 24.80 42.73
CA ASP A 253 -13.68 26.15 43.15
C ASP A 253 -13.43 26.28 44.63
N ASN A 254 -13.12 25.20 45.27
CA ASN A 254 -12.94 25.18 46.71
C ASN A 254 -11.49 24.74 47.03
N PRO A 255 -10.59 25.71 47.19
CA PRO A 255 -9.17 25.41 47.32
C PRO A 255 -8.82 24.47 48.47
N SER A 256 -9.44 24.64 49.65
CA SER A 256 -9.12 23.75 50.77
C SER A 256 -9.59 22.32 50.51
N LYS A 257 -10.74 22.19 49.85
CA LYS A 257 -11.16 20.86 49.44
C LYS A 257 -10.18 20.29 48.42
N LEU A 258 -9.77 21.11 47.47
CA LEU A 258 -8.79 20.64 46.45
C LEU A 258 -7.49 20.21 47.12
N LEU A 259 -7.06 20.98 48.10
CA LEU A 259 -5.85 20.62 48.86
C LEU A 259 -6.03 19.27 49.52
N GLU A 260 -7.15 19.11 50.23
CA GLU A 260 -7.42 17.86 50.91
C GLU A 260 -7.41 16.63 49.98
N VAL A 261 -8.07 16.70 48.84
CA VAL A 261 -8.08 15.52 47.97
C VAL A 261 -6.76 15.28 47.21
N SER A 262 -5.94 16.32 47.07
CA SER A 262 -4.66 16.19 46.34
C SER A 262 -3.57 15.61 47.21
N SER A 263 -3.79 15.56 48.52
CA SER A 263 -2.73 15.20 49.45
C SER A 263 -2.55 13.71 49.56
N ASP A 264 -1.29 13.27 49.50
CA ASP A 264 -0.96 11.88 49.72
C ASP A 264 -1.69 11.01 48.71
N LEU A 265 -1.54 11.35 47.43
CA LEU A 265 -2.26 10.65 46.38
C LEU A 265 -1.50 9.41 45.94
N GLY A 266 -0.23 9.34 46.30
CA GLY A 266 0.59 8.21 45.93
C GLY A 266 1.19 8.41 44.56
N GLU A 267 1.77 7.33 44.03
CA GLU A 267 2.44 7.38 42.74
C GLU A 267 1.48 7.39 41.56
N LEU A 268 1.57 8.43 40.72
CA LEU A 268 0.76 8.55 39.52
C LEU A 268 1.50 8.05 38.27
N MET A 269 1.03 8.48 37.11
CA MET A 269 1.56 8.07 35.80
C MET A 269 2.69 7.04 35.87
N MET B 9 -22.24 -11.58 -10.50
CA MET B 9 -21.59 -12.89 -10.52
C MET B 9 -20.70 -13.10 -9.29
N LEU B 10 -19.71 -12.23 -9.12
CA LEU B 10 -18.99 -12.10 -7.87
C LEU B 10 -19.62 -10.98 -7.05
N LYS B 11 -20.44 -10.18 -7.72
CA LYS B 11 -21.16 -9.09 -7.09
C LYS B 11 -21.78 -9.49 -5.74
N GLY B 12 -21.51 -8.69 -4.71
CA GLY B 12 -22.03 -8.93 -3.38
C GLY B 12 -21.26 -9.98 -2.63
N GLY B 13 -20.12 -10.39 -3.17
CA GLY B 13 -19.35 -11.47 -2.58
C GLY B 13 -18.08 -11.03 -1.88
N VAL B 14 -17.47 -11.97 -1.18
CA VAL B 14 -16.19 -11.77 -0.53
C VAL B 14 -15.16 -12.66 -1.22
N ILE B 15 -14.06 -12.08 -1.67
CA ILE B 15 -12.93 -12.87 -2.18
C ILE B 15 -11.85 -12.92 -1.11
N MET B 16 -11.38 -14.11 -0.80
CA MET B 16 -10.43 -14.28 0.28
C MET B 16 -9.07 -14.76 -0.23
N ASP B 17 -8.02 -14.15 0.28
CA ASP B 17 -6.64 -14.58 0.02
C ASP B 17 -6.38 -15.88 0.75
N VAL B 18 -5.82 -16.86 0.05
CA VAL B 18 -5.46 -18.12 0.68
C VAL B 18 -4.07 -18.59 0.25
N VAL B 19 -3.32 -19.17 1.17
CA VAL B 19 -1.96 -19.56 0.87
C VAL B 19 -1.78 -21.08 0.86
N THR B 20 -2.86 -21.82 1.14
CA THR B 20 -2.86 -23.28 1.12
C THR B 20 -4.21 -23.82 0.70
N PRO B 21 -4.25 -25.08 0.27
CA PRO B 21 -5.53 -25.72 -0.07
C PRO B 21 -6.51 -25.76 1.10
N GLU B 22 -6.00 -26.00 2.31
CA GLU B 22 -6.86 -26.05 3.48
C GLU B 22 -7.46 -24.67 3.78
N GLN B 23 -6.70 -23.62 3.55
CA GLN B 23 -7.26 -22.29 3.75
C GLN B 23 -8.36 -22.02 2.73
N ALA B 24 -8.13 -22.45 1.49
CA ALA B 24 -9.13 -22.33 0.45
C ALA B 24 -10.45 -23.04 0.82
N LYS B 25 -10.35 -24.23 1.44
CA LYS B 25 -11.54 -24.99 1.85
C LYS B 25 -12.33 -24.22 2.91
N ILE B 26 -11.61 -23.68 3.89
CA ILE B 26 -12.24 -22.82 4.89
C ILE B 26 -12.95 -21.65 4.24
N ALA B 27 -12.29 -20.99 3.28
CA ALA B 27 -12.91 -19.87 2.58
C ALA B 27 -14.20 -20.31 1.93
N GLU B 28 -14.15 -21.42 1.21
CA GLU B 28 -15.32 -21.93 0.50
C GLU B 28 -16.47 -22.25 1.47
N LYS B 29 -16.15 -22.95 2.55
CA LYS B 29 -17.15 -23.31 3.56
C LYS B 29 -17.76 -22.07 4.18
N SER B 30 -16.96 -21.02 4.34
CA SER B 30 -17.43 -19.80 4.97
C SER B 30 -18.39 -19.03 4.10
N GLY B 31 -18.41 -19.36 2.81
CA GLY B 31 -19.27 -18.66 1.87
C GLY B 31 -18.58 -17.66 0.95
N ALA B 32 -17.25 -17.68 0.93
CA ALA B 32 -16.51 -16.84 -0.01
C ALA B 32 -17.03 -17.10 -1.42
N CYS B 33 -17.18 -16.05 -2.22
CA CYS B 33 -17.55 -16.24 -3.63
C CYS B 33 -16.34 -16.61 -4.50
N ALA B 34 -15.13 -16.35 -4.01
CA ALA B 34 -13.93 -16.76 -4.74
C ALA B 34 -12.72 -16.72 -3.84
N VAL B 35 -11.64 -17.30 -4.34
CA VAL B 35 -10.45 -17.33 -3.56
C VAL B 35 -9.29 -16.74 -4.36
N MET B 36 -8.36 -16.09 -3.67
CA MET B 36 -7.21 -15.49 -4.32
C MET B 36 -6.00 -16.29 -3.89
N ALA B 37 -5.46 -17.07 -4.81
CA ALA B 37 -4.34 -17.96 -4.50
C ALA B 37 -3.03 -17.18 -4.48
N LEU B 38 -2.27 -17.26 -3.40
CA LEU B 38 -0.90 -16.70 -3.35
C LEU B 38 -0.01 -17.49 -2.41
N GLU B 39 1.24 -17.68 -2.80
CA GLU B 39 2.14 -18.60 -2.10
C GLU B 39 2.74 -17.93 -0.87
N SER B 40 2.60 -16.62 -0.83
CA SER B 40 3.34 -15.83 0.13
C SER B 40 2.51 -14.60 0.40
N ILE B 41 2.48 -14.16 1.65
CA ILE B 41 1.78 -12.92 1.97
C ILE B 41 2.69 -11.77 1.58
N PRO B 42 2.33 -11.03 0.52
CA PRO B 42 3.17 -9.95 0.00
C PRO B 42 3.42 -8.87 1.06
N ALA B 43 2.47 -8.72 1.98
CA ALA B 43 2.62 -7.77 3.09
C ALA B 43 3.90 -8.06 3.87
N ASP B 44 4.11 -9.33 4.23
CA ASP B 44 5.28 -9.77 4.99
C ASP B 44 6.55 -9.68 4.14
N MET B 45 6.44 -10.18 2.92
CA MET B 45 7.51 -10.09 1.93
C MET B 45 7.94 -8.63 1.73
N ARG B 46 6.95 -7.77 1.52
CA ARG B 46 7.18 -6.34 1.31
C ARG B 46 8.01 -5.72 2.43
N LYS B 47 7.63 -6.03 3.67
CA LYS B 47 8.34 -5.52 4.84
C LYS B 47 9.70 -6.20 5.00
N SER B 48 9.96 -7.22 4.18
CA SER B 48 11.25 -7.88 4.17
C SER B 48 12.17 -7.34 3.08
N GLY B 49 11.62 -6.46 2.23
CA GLY B 49 12.35 -5.94 1.09
C GLY B 49 12.45 -6.91 -0.09
N LYS B 50 11.90 -8.11 0.10
CA LYS B 50 11.91 -9.14 -0.94
C LYS B 50 11.11 -8.76 -2.19
N VAL B 51 11.50 -9.33 -3.32
CA VAL B 51 10.74 -9.17 -4.54
C VAL B 51 9.58 -10.17 -4.52
N CYS B 52 8.36 -9.68 -4.72
CA CYS B 52 7.20 -10.57 -4.76
C CYS B 52 6.68 -10.67 -6.17
N ARG B 53 6.57 -11.91 -6.67
CA ARG B 53 6.21 -12.20 -8.04
C ARG B 53 4.96 -13.07 -8.10
N MET B 54 4.55 -13.38 -9.32
CA MET B 54 3.56 -14.44 -9.56
C MET B 54 3.93 -15.65 -8.70
N SER B 55 2.92 -16.28 -8.11
CA SER B 55 3.13 -17.51 -7.37
C SER B 55 3.43 -18.70 -8.28
N ASP B 56 4.09 -19.72 -7.75
CA ASP B 56 4.35 -20.93 -8.50
C ASP B 56 3.03 -21.54 -8.98
N PRO B 57 2.90 -21.74 -10.27
CA PRO B 57 1.70 -22.32 -10.83
C PRO B 57 1.26 -23.65 -10.20
N LYS B 58 2.15 -24.42 -9.64
CA LYS B 58 1.76 -25.64 -9.02
C LYS B 58 1.01 -25.42 -7.73
N MET B 59 1.38 -24.39 -7.02
CA MET B 59 0.64 -23.99 -5.88
C MET B 59 -0.72 -23.43 -6.26
N ILE B 60 -0.83 -22.71 -7.34
CA ILE B 60 -2.09 -22.16 -7.70
C ILE B 60 -2.98 -23.33 -8.09
N LYS B 61 -2.42 -24.31 -8.76
CA LYS B 61 -3.19 -25.42 -9.28
C LYS B 61 -3.69 -26.31 -8.14
N ASP B 62 -2.87 -26.49 -7.10
CA ASP B 62 -3.29 -27.25 -5.92
C ASP B 62 -4.48 -26.59 -5.22
N ILE B 63 -4.55 -25.27 -5.31
CA ILE B 63 -5.70 -24.56 -4.74
C ILE B 63 -6.93 -24.71 -5.65
N MET B 64 -6.73 -24.55 -6.96
CA MET B 64 -7.81 -24.76 -7.92
C MET B 64 -8.42 -26.17 -7.78
N ASN B 65 -7.59 -27.15 -7.42
CA ASN B 65 -8.06 -28.52 -7.29
C ASN B 65 -8.81 -28.78 -5.99
N SER B 66 -8.81 -27.81 -5.06
CA SER B 66 -9.35 -28.07 -3.74
C SER B 66 -10.73 -27.46 -3.45
N VAL B 67 -11.24 -26.67 -4.39
CA VAL B 67 -12.50 -25.95 -4.20
C VAL B 67 -13.20 -25.85 -5.54
N SER B 68 -14.49 -25.54 -5.53
CA SER B 68 -15.20 -25.39 -6.79
C SER B 68 -15.65 -23.96 -7.08
N ILE B 69 -15.28 -23.03 -6.21
CA ILE B 69 -15.51 -21.63 -6.49
C ILE B 69 -14.36 -21.10 -7.36
N PRO B 70 -14.57 -19.97 -8.04
CA PRO B 70 -13.51 -19.43 -8.90
C PRO B 70 -12.24 -19.11 -8.13
N VAL B 71 -11.11 -19.24 -8.81
CA VAL B 71 -9.81 -18.92 -8.24
C VAL B 71 -9.16 -17.76 -8.99
N MET B 72 -8.61 -16.82 -8.26
CA MET B 72 -7.86 -15.71 -8.85
C MET B 72 -6.39 -15.88 -8.52
N ALA B 73 -5.51 -15.27 -9.32
CA ALA B 73 -4.08 -15.19 -9.00
C ALA B 73 -3.56 -13.81 -9.37
N LYS B 74 -2.51 -13.38 -8.68
CA LYS B 74 -1.91 -12.07 -8.92
C LYS B 74 -0.73 -12.15 -9.88
N VAL B 75 -0.54 -11.09 -10.65
CA VAL B 75 0.70 -10.92 -11.42
C VAL B 75 1.23 -9.52 -11.12
N ARG B 76 2.51 -9.30 -11.39
CA ARG B 76 3.11 -7.98 -11.21
C ARG B 76 2.61 -7.00 -12.27
N ILE B 77 2.44 -5.76 -11.86
CA ILE B 77 2.02 -4.72 -12.78
C ILE B 77 2.95 -4.71 -14.00
N GLY B 78 2.35 -4.76 -15.18
CA GLY B 78 3.10 -4.70 -16.41
C GLY B 78 3.67 -6.05 -16.84
N HIS B 79 3.54 -7.08 -16.01
CA HIS B 79 4.15 -8.35 -16.37
C HIS B 79 3.23 -9.27 -17.19
N PHE B 80 3.18 -9.00 -18.50
CA PHE B 80 2.19 -9.64 -19.33
C PHE B 80 2.54 -11.11 -19.58
N VAL B 81 3.80 -11.46 -19.37
CA VAL B 81 4.18 -12.88 -19.47
C VAL B 81 3.73 -13.70 -18.27
N GLU B 82 3.88 -13.17 -17.07
CA GLU B 82 3.26 -13.82 -15.92
C GLU B 82 1.76 -14.03 -16.21
N ALA B 83 1.11 -13.02 -16.79
CA ALA B 83 -0.31 -13.15 -17.10
C ALA B 83 -0.58 -14.23 -18.15
N GLN B 84 0.26 -14.32 -19.18
CA GLN B 84 0.09 -15.35 -20.21
C GLN B 84 0.17 -16.73 -19.59
N ILE B 85 1.10 -16.89 -18.65
CA ILE B 85 1.28 -18.14 -17.93
C ILE B 85 0.07 -18.50 -17.06
N ILE B 86 -0.45 -17.53 -16.31
CA ILE B 86 -1.59 -17.74 -15.42
C ILE B 86 -2.82 -18.04 -16.27
N GLU B 87 -2.93 -17.33 -17.39
CA GLU B 87 -4.04 -17.58 -18.29
C GLU B 87 -4.01 -19.02 -18.86
N ALA B 88 -2.82 -19.48 -19.25
CA ALA B 88 -2.65 -20.85 -19.75
C ALA B 88 -2.99 -21.86 -18.64
N LEU B 89 -2.82 -21.43 -17.40
CA LEU B 89 -3.15 -22.28 -16.27
C LEU B 89 -4.67 -22.37 -16.07
N GLU B 90 -5.42 -21.45 -16.71
CA GLU B 90 -6.87 -21.45 -16.62
C GLU B 90 -7.42 -21.05 -15.24
N VAL B 91 -6.78 -20.08 -14.59
CA VAL B 91 -7.40 -19.47 -13.42
C VAL B 91 -8.61 -18.68 -13.94
N ASP B 92 -9.52 -18.33 -13.06
CA ASP B 92 -10.71 -17.61 -13.49
C ASP B 92 -10.53 -16.09 -13.64
N TYR B 93 -9.62 -15.51 -12.86
CA TYR B 93 -9.40 -14.06 -12.89
C TYR B 93 -7.94 -13.77 -12.60
N ILE B 94 -7.43 -12.70 -13.19
CA ILE B 94 -6.08 -12.28 -12.90
C ILE B 94 -6.11 -10.91 -12.22
N ASP B 95 -5.45 -10.80 -11.07
CA ASP B 95 -5.36 -9.51 -10.39
C ASP B 95 -3.99 -8.92 -10.75
N GLU B 96 -3.97 -7.86 -11.53
CA GLU B 96 -2.73 -7.15 -11.81
C GLU B 96 -2.48 -6.24 -10.59
N SER B 97 -1.61 -6.69 -9.71
CA SER B 97 -1.61 -6.20 -8.33
C SER B 97 -0.40 -5.35 -7.94
N GLU B 98 -0.69 -4.15 -7.41
CA GLU B 98 0.33 -3.25 -6.87
C GLU B 98 0.94 -3.81 -5.58
N VAL B 99 0.35 -4.86 -5.04
CA VAL B 99 0.91 -5.48 -3.84
C VAL B 99 2.18 -6.29 -4.15
N LEU B 100 2.25 -6.87 -5.35
CA LEU B 100 3.48 -7.50 -5.84
C LEU B 100 4.43 -6.39 -6.31
N THR B 101 5.70 -6.74 -6.51
CA THR B 101 6.70 -5.79 -6.98
C THR B 101 6.49 -5.44 -8.46
N PRO B 102 6.23 -4.16 -8.79
CA PRO B 102 5.91 -3.84 -10.19
C PRO B 102 7.02 -4.26 -11.16
N ALA B 103 6.64 -4.79 -12.31
CA ALA B 103 7.61 -5.20 -13.31
C ALA B 103 7.82 -4.09 -14.32
N ASP B 104 6.81 -3.26 -14.52
CA ASP B 104 6.86 -2.16 -15.47
C ASP B 104 6.28 -0.94 -14.75
N TRP B 105 7.11 0.07 -14.51
CA TRP B 105 6.65 1.27 -13.82
C TRP B 105 5.98 2.28 -14.76
N THR B 106 5.96 1.97 -16.05
CA THR B 106 5.35 2.85 -17.03
C THR B 106 4.06 2.28 -17.65
N HIS B 107 4.09 1.01 -18.03
CA HIS B 107 2.94 0.43 -18.72
C HIS B 107 2.32 -0.70 -17.93
N HIS B 108 1.00 -0.66 -17.78
CA HIS B 108 0.27 -1.83 -17.32
C HIS B 108 0.11 -2.81 -18.47
N ILE B 109 -0.39 -3.99 -18.14
CA ILE B 109 -0.64 -5.02 -19.13
C ILE B 109 -1.76 -4.58 -20.07
N GLU B 110 -1.63 -4.96 -21.34
CA GLU B 110 -2.70 -4.75 -22.32
C GLU B 110 -3.72 -5.84 -22.14
N LYS B 111 -4.61 -5.64 -21.16
CA LYS B 111 -5.52 -6.68 -20.69
C LYS B 111 -6.55 -7.14 -21.73
N ASP B 112 -6.92 -6.23 -22.63
CA ASP B 112 -7.91 -6.54 -23.67
C ASP B 112 -7.36 -7.49 -24.73
N LYS B 113 -6.11 -7.93 -24.57
CA LYS B 113 -5.57 -8.91 -25.51
C LYS B 113 -5.61 -10.29 -24.89
N PHE B 114 -6.17 -10.38 -23.69
CA PHE B 114 -6.35 -11.66 -23.03
C PHE B 114 -7.83 -12.04 -23.03
N LYS B 115 -8.08 -13.33 -22.84
CA LYS B 115 -9.45 -13.80 -22.72
C LYS B 115 -9.90 -13.87 -21.27
N VAL B 116 -8.97 -14.19 -20.37
CA VAL B 116 -9.26 -14.16 -18.94
C VAL B 116 -9.51 -12.72 -18.45
N PRO B 117 -10.52 -12.52 -17.60
CA PRO B 117 -10.80 -11.18 -17.07
C PRO B 117 -9.74 -10.71 -16.04
N PHE B 118 -9.44 -9.43 -16.02
CA PHE B 118 -8.52 -8.87 -15.01
C PHE B 118 -9.24 -7.99 -14.00
N VAL B 119 -8.77 -8.00 -12.76
CA VAL B 119 -9.11 -6.92 -11.84
C VAL B 119 -7.89 -6.03 -11.64
N CYS B 120 -8.12 -4.72 -11.58
CA CYS B 120 -7.05 -3.76 -11.32
C CYS B 120 -7.43 -2.83 -10.18
N GLY B 121 -6.41 -2.34 -9.47
CA GLY B 121 -6.61 -1.35 -8.43
C GLY B 121 -6.71 0.05 -8.99
N ALA B 122 -7.39 0.94 -8.28
CA ALA B 122 -7.44 2.36 -8.64
C ALA B 122 -7.61 3.22 -7.38
N LYS B 123 -6.94 4.37 -7.33
CA LYS B 123 -7.02 5.28 -6.19
C LYS B 123 -7.95 6.43 -6.51
N ASP B 124 -8.22 6.68 -7.80
CA ASP B 124 -9.06 7.80 -8.19
C ASP B 124 -9.73 7.53 -9.54
N LEU B 125 -10.48 8.50 -10.06
CA LEU B 125 -11.25 8.30 -11.29
C LEU B 125 -10.33 8.11 -12.50
N GLY B 126 -9.33 8.96 -12.64
CA GLY B 126 -8.34 8.83 -13.69
C GLY B 126 -7.75 7.42 -13.76
N GLU B 127 -7.22 6.94 -12.65
CA GLU B 127 -6.67 5.59 -12.62
C GLU B 127 -7.71 4.54 -13.00
N ALA B 128 -8.91 4.65 -12.44
CA ALA B 128 -9.92 3.64 -12.74
C ALA B 128 -10.21 3.61 -14.25
N LEU B 129 -10.36 4.79 -14.85
CA LEU B 129 -10.66 4.85 -16.29
C LEU B 129 -9.52 4.34 -17.16
N ARG B 130 -8.27 4.69 -16.83
CA ARG B 130 -7.14 4.13 -17.58
C ARG B 130 -7.08 2.60 -17.49
N ARG B 131 -7.29 2.06 -16.30
CA ARG B 131 -7.34 0.63 -16.16
C ARG B 131 -8.45 -0.01 -16.96
N ILE B 132 -9.63 0.55 -16.93
CA ILE B 132 -10.75 0.07 -17.73
C ILE B 132 -10.41 0.20 -19.22
N ASN B 133 -9.84 1.33 -19.60
CA ASN B 133 -9.46 1.53 -20.99
C ASN B 133 -8.46 0.48 -21.49
N GLU B 134 -7.56 0.05 -20.61
CA GLU B 134 -6.58 -0.97 -20.94
C GLU B 134 -7.23 -2.35 -21.01
N GLY B 135 -8.46 -2.47 -20.51
CA GLY B 135 -9.17 -3.74 -20.60
C GLY B 135 -9.56 -4.39 -19.29
N ALA B 136 -9.39 -3.71 -18.15
CA ALA B 136 -9.78 -4.29 -16.86
C ALA B 136 -11.27 -4.62 -16.85
N ALA B 137 -11.62 -5.82 -16.39
CA ALA B 137 -13.02 -6.25 -16.27
C ALA B 137 -13.63 -5.85 -14.92
N MET B 138 -12.76 -5.47 -13.99
CA MET B 138 -13.19 -5.18 -12.62
C MET B 138 -12.18 -4.25 -11.95
N ILE B 139 -12.68 -3.33 -11.14
CA ILE B 139 -11.83 -2.38 -10.43
C ILE B 139 -11.96 -2.67 -8.96
N ARG B 140 -10.89 -2.46 -8.22
CA ARG B 140 -10.95 -2.48 -6.78
C ARG B 140 -10.13 -1.31 -6.23
N THR B 141 -10.43 -0.90 -5.01
CA THR B 141 -9.62 0.13 -4.36
C THR B 141 -8.22 -0.43 -4.15
N LYS B 142 -7.25 0.44 -3.95
CA LYS B 142 -5.92 -0.05 -3.64
C LYS B 142 -5.75 -0.25 -2.15
N GLY B 143 -6.52 0.50 -1.37
CA GLY B 143 -6.39 0.40 0.08
C GLY B 143 -4.94 0.33 0.50
N GLU B 144 -4.69 -0.28 1.65
CA GLU B 144 -3.35 -0.39 2.20
C GLU B 144 -3.19 -1.81 2.69
N ALA B 145 -2.64 -2.66 1.83
CA ALA B 145 -2.63 -4.11 2.07
C ALA B 145 -1.79 -4.52 3.28
N GLY B 146 -2.32 -5.46 4.05
CA GLY B 146 -1.62 -5.94 5.24
C GLY B 146 -1.61 -5.05 6.48
N THR B 147 -2.24 -3.87 6.43
CA THR B 147 -2.25 -2.97 7.59
C THR B 147 -3.46 -3.12 8.50
N GLY B 148 -4.56 -3.68 7.99
CA GLY B 148 -5.81 -3.78 8.72
C GLY B 148 -6.45 -2.43 8.97
N ASP B 149 -6.00 -1.41 8.23
CA ASP B 149 -6.53 -0.06 8.38
C ASP B 149 -7.37 0.27 7.16
N VAL B 150 -8.67 0.42 7.37
CA VAL B 150 -9.63 0.51 6.29
C VAL B 150 -9.63 1.88 5.60
N SER B 151 -8.93 2.85 6.19
CA SER B 151 -9.12 4.25 5.77
C SER B 151 -8.63 4.55 4.35
N GLU B 152 -7.61 3.84 3.87
CA GLU B 152 -7.16 4.03 2.49
C GLU B 152 -8.21 3.56 1.47
N ALA B 153 -8.80 2.40 1.72
CA ALA B 153 -9.86 1.93 0.87
C ALA B 153 -11.05 2.91 0.89
N VAL B 154 -11.36 3.42 2.07
CA VAL B 154 -12.46 4.39 2.20
C VAL B 154 -12.15 5.62 1.39
N LYS B 155 -10.91 6.09 1.53
CA LYS B 155 -10.49 7.26 0.80
C LYS B 155 -10.63 7.07 -0.73
N HIS B 156 -10.27 5.90 -1.24
CA HIS B 156 -10.34 5.71 -2.68
C HIS B 156 -11.77 5.66 -3.20
N ILE B 157 -12.66 4.96 -2.49
CA ILE B 157 -14.02 4.87 -2.96
C ILE B 157 -14.70 6.25 -2.88
N ARG B 158 -14.42 6.99 -1.81
CA ARG B 158 -14.90 8.36 -1.68
C ARG B 158 -14.39 9.24 -2.82
N ARG B 159 -13.11 9.09 -3.16
CA ARG B 159 -12.49 9.97 -4.15
C ARG B 159 -13.09 9.73 -5.55
N ILE B 160 -13.25 8.48 -5.91
CA ILE B 160 -13.82 8.17 -7.20
C ILE B 160 -15.24 8.75 -7.28
N THR B 161 -16.04 8.50 -6.25
CA THR B 161 -17.40 9.03 -6.18
C THR B 161 -17.41 10.56 -6.28
N GLU B 162 -16.55 11.22 -5.53
CA GLU B 162 -16.44 12.67 -5.57
C GLU B 162 -16.04 13.19 -6.95
N GLU B 163 -15.05 12.57 -7.58
CA GLU B 163 -14.58 13.07 -8.87
C GLU B 163 -15.66 12.91 -9.94
N ILE B 164 -16.39 11.80 -9.88
CA ILE B 164 -17.50 11.59 -10.77
C ILE B 164 -18.52 12.72 -10.62
N LYS B 165 -18.86 13.04 -9.37
CA LYS B 165 -19.83 14.10 -9.13
C LYS B 165 -19.30 15.44 -9.63
N ALA B 166 -18.04 15.74 -9.35
CA ALA B 166 -17.45 17.00 -9.77
C ALA B 166 -17.45 17.12 -11.29
N CYS B 167 -17.20 16.01 -11.98
CA CYS B 167 -17.18 16.03 -13.45
C CYS B 167 -18.57 16.24 -14.04
N GLN B 168 -19.59 15.75 -13.31
CA GLN B 168 -20.98 15.94 -13.69
C GLN B 168 -21.40 17.42 -13.55
N GLN B 169 -20.62 18.19 -12.82
CA GLN B 169 -20.86 19.63 -12.64
C GLN B 169 -20.35 20.45 -13.82
N LEU B 170 -19.45 19.87 -14.62
CA LEU B 170 -18.97 20.53 -15.82
C LEU B 170 -20.07 20.50 -16.88
N LYS B 171 -20.43 21.65 -17.41
CA LYS B 171 -21.54 21.75 -18.35
C LYS B 171 -21.05 21.94 -19.78
N SER B 172 -19.75 21.93 -19.94
CA SER B 172 -19.21 22.02 -21.26
C SER B 172 -18.56 20.73 -21.67
N GLU B 173 -18.90 20.25 -22.84
CA GLU B 173 -18.27 19.11 -23.41
C GLU B 173 -16.78 19.27 -23.73
N ASP B 174 -16.31 20.48 -24.01
CA ASP B 174 -14.90 20.75 -24.23
C ASP B 174 -14.12 20.54 -22.92
N ASP B 175 -14.69 21.05 -21.83
CA ASP B 175 -14.09 20.86 -20.51
C ASP B 175 -13.99 19.37 -20.19
N ILE B 176 -15.07 18.65 -20.45
CA ILE B 176 -15.06 17.20 -20.32
C ILE B 176 -13.91 16.59 -21.11
N ALA B 177 -13.83 16.94 -22.39
CA ALA B 177 -12.78 16.43 -23.28
C ALA B 177 -11.38 16.76 -22.76
N LYS B 178 -11.23 17.93 -22.16
CA LYS B 178 -9.94 18.32 -21.59
C LYS B 178 -9.61 17.46 -20.37
N VAL B 179 -10.63 17.12 -19.59
CA VAL B 179 -10.44 16.21 -18.45
C VAL B 179 -10.03 14.83 -18.95
N ALA B 180 -10.75 14.31 -19.96
CA ALA B 180 -10.39 13.02 -20.55
C ALA B 180 -8.96 13.00 -21.07
N GLU B 181 -8.53 14.10 -21.70
CA GLU B 181 -7.18 14.16 -22.24
C GLU B 181 -6.17 14.10 -21.09
N GLU B 182 -6.43 14.88 -20.05
CA GLU B 182 -5.59 14.86 -18.86
C GLU B 182 -5.52 13.46 -18.25
N MET B 183 -6.66 12.76 -18.24
CA MET B 183 -6.72 11.40 -17.74
C MET B 183 -6.12 10.38 -18.71
N ARG B 184 -5.88 10.80 -19.96
CA ARG B 184 -5.37 9.89 -20.99
C ARG B 184 -6.36 8.79 -21.29
N VAL B 185 -7.63 9.14 -21.44
CA VAL B 185 -8.64 8.16 -21.83
C VAL B 185 -9.57 8.75 -22.90
N PRO B 186 -10.23 7.87 -23.67
CA PRO B 186 -11.18 8.34 -24.68
C PRO B 186 -12.33 9.11 -24.02
N VAL B 187 -12.68 10.24 -24.60
CA VAL B 187 -13.75 11.07 -24.06
C VAL B 187 -15.06 10.30 -23.92
N SER B 188 -15.29 9.32 -24.78
CA SER B 188 -16.52 8.54 -24.73
C SER B 188 -16.61 7.71 -23.45
N LEU B 189 -15.45 7.27 -22.95
CA LEU B 189 -15.39 6.54 -21.68
C LEU B 189 -15.83 7.44 -20.54
N LEU B 190 -15.21 8.62 -20.48
CA LEU B 190 -15.51 9.56 -19.43
C LEU B 190 -16.99 9.97 -19.50
N LYS B 191 -17.49 10.21 -20.72
CA LYS B 191 -18.87 10.65 -20.87
C LYS B 191 -19.85 9.58 -20.42
N ASP B 192 -19.54 8.32 -20.69
CA ASP B 192 -20.42 7.25 -20.25
C ASP B 192 -20.52 7.22 -18.71
N VAL B 193 -19.38 7.33 -18.06
CA VAL B 193 -19.34 7.42 -16.60
C VAL B 193 -20.19 8.58 -16.09
N LEU B 194 -20.06 9.75 -16.71
CA LEU B 194 -20.77 10.95 -16.24
C LEU B 194 -22.29 10.84 -16.39
N GLU B 195 -22.73 10.14 -17.42
CA GLU B 195 -24.15 9.94 -17.64
C GLU B 195 -24.71 8.92 -16.66
N LYS B 196 -24.05 7.78 -16.59
CA LYS B 196 -24.48 6.70 -15.69
C LYS B 196 -24.21 7.02 -14.22
N GLY B 197 -23.37 8.00 -13.93
CA GLY B 197 -23.01 8.31 -12.55
C GLY B 197 -22.24 7.21 -11.85
N LYS B 198 -21.60 6.32 -12.62
CA LYS B 198 -20.88 5.20 -12.03
C LYS B 198 -19.93 4.57 -13.07
N LEU B 199 -18.96 3.79 -12.59
CA LEU B 199 -18.04 3.09 -13.48
C LEU B 199 -18.80 2.03 -14.26
N PRO B 200 -18.35 1.77 -15.49
CA PRO B 200 -18.96 0.71 -16.32
C PRO B 200 -18.64 -0.70 -15.86
N VAL B 201 -17.86 -0.86 -14.79
CA VAL B 201 -17.58 -2.20 -14.28
C VAL B 201 -17.77 -2.24 -12.77
N VAL B 202 -17.88 -3.42 -12.16
CA VAL B 202 -17.95 -3.47 -10.69
C VAL B 202 -16.68 -2.92 -10.03
N ASN B 203 -16.87 -2.28 -8.88
CA ASN B 203 -15.80 -1.74 -8.05
C ASN B 203 -15.83 -2.41 -6.67
N PHE B 204 -14.82 -3.23 -6.38
CA PHE B 204 -14.72 -3.93 -5.10
C PHE B 204 -13.86 -3.16 -4.12
N ALA B 205 -14.15 -3.35 -2.83
CA ALA B 205 -13.28 -2.84 -1.76
C ALA B 205 -12.11 -3.81 -1.53
N ALA B 206 -10.91 -3.27 -1.38
CA ALA B 206 -9.74 -4.10 -1.12
C ALA B 206 -8.65 -3.33 -0.38
N GLY B 207 -7.96 -4.03 0.52
CA GLY B 207 -6.85 -3.44 1.27
C GLY B 207 -7.30 -2.89 2.62
N GLY B 208 -6.92 -3.58 3.69
CA GLY B 208 -7.20 -3.09 5.03
C GLY B 208 -8.59 -3.40 5.58
N VAL B 209 -9.35 -4.25 4.90
CA VAL B 209 -10.63 -4.71 5.44
C VAL B 209 -10.37 -5.75 6.51
N ALA B 210 -10.52 -5.37 7.77
CA ALA B 210 -10.12 -6.23 8.88
C ALA B 210 -11.30 -6.83 9.65
N THR B 211 -12.43 -6.13 9.68
CA THR B 211 -13.58 -6.57 10.47
C THR B 211 -14.85 -6.68 9.64
N PRO B 212 -15.84 -7.42 10.14
CA PRO B 212 -17.17 -7.40 9.52
C PRO B 212 -17.69 -5.98 9.35
N ALA B 213 -17.52 -5.12 10.36
CA ALA B 213 -17.97 -3.73 10.24
C ALA B 213 -17.29 -3.01 9.07
N ASP B 214 -15.99 -3.25 8.89
CA ASP B 214 -15.26 -2.66 7.77
C ASP B 214 -15.87 -3.07 6.43
N ALA B 215 -16.15 -4.37 6.29
CA ALA B 215 -16.74 -4.90 5.07
C ALA B 215 -18.07 -4.21 4.79
N ALA B 216 -18.91 -4.10 5.80
CA ALA B 216 -20.24 -3.52 5.60
C ALA B 216 -20.12 -2.03 5.31
N LEU B 217 -19.17 -1.37 5.96
CA LEU B 217 -18.92 0.04 5.70
C LEU B 217 -18.66 0.28 4.21
N LEU B 218 -17.78 -0.52 3.61
CA LEU B 218 -17.42 -0.31 2.22
C LEU B 218 -18.60 -0.62 1.28
N MET B 219 -19.41 -1.61 1.66
CA MET B 219 -20.61 -1.93 0.88
C MET B 219 -21.56 -0.73 0.93
N GLN B 220 -21.76 -0.16 2.12
CA GLN B 220 -22.65 1.02 2.25
C GLN B 220 -22.10 2.24 1.53
N LEU B 221 -20.78 2.32 1.37
CA LEU B 221 -20.20 3.40 0.58
C LEU B 221 -20.35 3.14 -0.92
N GLY B 222 -20.86 1.97 -1.29
CA GLY B 222 -21.15 1.73 -2.69
C GLY B 222 -20.27 0.71 -3.39
N CYS B 223 -19.43 -0.02 -2.66
CA CYS B 223 -18.65 -1.09 -3.29
C CYS B 223 -19.58 -2.21 -3.68
N ASP B 224 -19.15 -3.03 -4.64
CA ASP B 224 -19.96 -4.15 -5.11
C ASP B 224 -19.54 -5.46 -4.47
N GLY B 225 -18.49 -5.42 -3.65
CA GLY B 225 -17.97 -6.64 -3.05
C GLY B 225 -16.70 -6.31 -2.30
N VAL B 226 -16.12 -7.28 -1.60
CA VAL B 226 -14.88 -7.00 -0.89
C VAL B 226 -13.85 -8.12 -1.04
N PHE B 227 -12.58 -7.71 -1.13
CA PHE B 227 -11.43 -8.60 -0.98
C PHE B 227 -10.94 -8.51 0.46
N VAL B 228 -10.73 -9.65 1.11
CA VAL B 228 -10.05 -9.67 2.40
C VAL B 228 -8.73 -10.46 2.30
N GLY B 229 -7.73 -10.02 3.06
CA GLY B 229 -6.41 -10.61 3.00
C GLY B 229 -6.15 -11.68 4.03
N SER B 230 -4.87 -11.99 4.22
CA SER B 230 -4.45 -13.10 5.07
C SER B 230 -4.68 -12.86 6.57
N GLY B 231 -4.99 -11.63 6.93
CA GLY B 231 -5.38 -11.33 8.30
C GLY B 231 -6.44 -12.29 8.82
N ILE B 232 -7.38 -12.67 7.96
CA ILE B 232 -8.41 -13.61 8.38
C ILE B 232 -7.79 -14.81 9.05
N PHE B 233 -6.71 -15.32 8.45
CA PHE B 233 -6.15 -16.60 8.90
C PHE B 233 -5.13 -16.44 10.02
N LYS B 234 -4.82 -15.20 10.36
CA LYS B 234 -3.96 -14.94 11.51
C LYS B 234 -4.78 -14.70 12.78
N SER B 235 -6.10 -14.58 12.62
CA SER B 235 -6.97 -14.37 13.76
C SER B 235 -7.07 -15.66 14.58
N SER B 236 -7.47 -15.54 15.84
CA SER B 236 -7.56 -16.69 16.73
C SER B 236 -8.67 -17.67 16.34
N ASN B 237 -9.53 -17.26 15.42
CA ASN B 237 -10.67 -18.07 15.00
C ASN B 237 -11.08 -17.79 13.55
N PRO B 238 -10.30 -18.30 12.60
CA PRO B 238 -10.43 -18.00 11.16
C PRO B 238 -11.80 -18.31 10.56
N VAL B 239 -12.33 -19.50 10.82
CA VAL B 239 -13.66 -19.86 10.32
C VAL B 239 -14.74 -18.89 10.79
N ARG B 240 -14.70 -18.54 12.07
CA ARG B 240 -15.70 -17.62 12.61
C ARG B 240 -15.56 -16.25 11.97
N LEU B 241 -14.32 -15.78 11.85
CA LEU B 241 -14.09 -14.45 11.29
C LEU B 241 -14.48 -14.43 9.81
N ALA B 242 -14.07 -15.45 9.07
CA ALA B 242 -14.41 -15.54 7.65
C ALA B 242 -15.94 -15.53 7.47
N THR B 243 -16.63 -16.33 8.26
CA THR B 243 -18.09 -16.43 8.16
C THR B 243 -18.76 -15.09 8.48
N ALA B 244 -18.25 -14.42 9.52
CA ALA B 244 -18.76 -13.11 9.93
C ALA B 244 -18.57 -12.05 8.84
N VAL B 245 -17.43 -12.09 8.16
CA VAL B 245 -17.19 -11.12 7.10
C VAL B 245 -18.14 -11.36 5.92
N VAL B 246 -18.35 -12.63 5.56
CA VAL B 246 -19.29 -12.96 4.49
C VAL B 246 -20.72 -12.50 4.84
N GLU B 247 -21.16 -12.82 6.06
CA GLU B 247 -22.49 -12.38 6.52
C GLU B 247 -22.64 -10.87 6.50
N ALA B 248 -21.63 -10.16 7.01
CA ALA B 248 -21.66 -8.69 7.00
C ALA B 248 -21.72 -8.14 5.59
N THR B 249 -21.02 -8.79 4.67
CA THR B 249 -21.01 -8.31 3.29
C THR B 249 -22.39 -8.56 2.65
N THR B 250 -22.98 -9.70 2.97
CA THR B 250 -24.32 -10.00 2.49
C THR B 250 -25.37 -9.09 3.12
N HIS B 251 -25.36 -8.96 4.44
CA HIS B 251 -26.39 -8.18 5.12
C HIS B 251 -25.88 -6.82 5.54
N PHE B 252 -25.25 -6.12 4.61
CA PHE B 252 -24.45 -4.95 4.96
C PHE B 252 -25.24 -3.75 5.49
N ASP B 253 -26.56 -3.74 5.33
CA ASP B 253 -27.31 -2.66 5.95
C ASP B 253 -28.36 -3.15 6.95
N ASN B 254 -28.00 -4.22 7.63
CA ASN B 254 -28.85 -4.78 8.67
C ASN B 254 -28.08 -4.70 10.00
N PRO B 255 -28.27 -3.60 10.73
CA PRO B 255 -27.49 -3.35 11.95
C PRO B 255 -27.54 -4.47 13.00
N SER B 256 -28.71 -5.05 13.27
CA SER B 256 -28.80 -6.12 14.27
C SER B 256 -28.02 -7.36 13.82
N LYS B 257 -28.09 -7.67 12.53
CA LYS B 257 -27.29 -8.78 12.00
C LYS B 257 -25.79 -8.43 12.15
N LEU B 258 -25.43 -7.21 11.79
CA LEU B 258 -24.02 -6.79 11.90
C LEU B 258 -23.57 -6.89 13.35
N LEU B 259 -24.45 -6.48 14.28
CA LEU B 259 -24.14 -6.61 15.70
C LEU B 259 -23.91 -8.07 16.08
N GLU B 260 -24.79 -8.94 15.60
CA GLU B 260 -24.71 -10.36 15.93
C GLU B 260 -23.40 -11.00 15.41
N VAL B 261 -23.02 -10.73 14.18
CA VAL B 261 -21.78 -11.34 13.67
C VAL B 261 -20.50 -10.70 14.25
N SER B 262 -20.59 -9.46 14.72
CA SER B 262 -19.41 -8.79 15.26
C SER B 262 -19.11 -9.18 16.70
N SER B 263 -20.06 -9.84 17.35
CA SER B 263 -19.93 -10.10 18.78
C SER B 263 -19.06 -11.31 19.05
N ASP B 264 -18.16 -11.17 20.02
CA ASP B 264 -17.32 -12.26 20.45
C ASP B 264 -16.53 -12.85 19.28
N LEU B 265 -15.81 -11.99 18.56
CA LEU B 265 -15.08 -12.42 17.37
C LEU B 265 -13.71 -12.96 17.74
N GLY B 266 -13.26 -12.66 18.95
CA GLY B 266 -11.95 -13.10 19.40
C GLY B 266 -10.87 -12.13 18.96
N GLU B 267 -9.63 -12.56 19.13
CA GLU B 267 -8.47 -11.73 18.83
C GLU B 267 -8.21 -11.60 17.33
N LEU B 268 -8.19 -10.37 16.83
CA LEU B 268 -7.87 -10.09 15.43
C LEU B 268 -6.40 -9.71 15.24
N MET B 269 -6.13 -9.05 14.11
CA MET B 269 -4.77 -8.66 13.69
C MET B 269 -3.67 -9.08 14.68
N MET C 9 24.90 -15.11 -33.15
CA MET C 9 25.79 -16.17 -32.71
C MET C 9 25.41 -16.55 -31.29
N LEU C 10 25.14 -15.53 -30.49
CA LEU C 10 24.61 -15.72 -29.14
C LEU C 10 23.13 -15.36 -29.16
N LYS C 11 22.70 -14.69 -30.22
CA LYS C 11 21.30 -14.32 -30.39
C LYS C 11 20.37 -15.42 -29.94
N GLY C 12 19.38 -15.06 -29.12
CA GLY C 12 18.38 -16.00 -28.64
C GLY C 12 18.90 -16.87 -27.52
N GLY C 13 20.08 -16.51 -26.98
CA GLY C 13 20.70 -17.34 -25.97
C GLY C 13 20.68 -16.76 -24.57
N VAL C 14 21.09 -17.59 -23.61
CA VAL C 14 21.24 -17.17 -22.22
C VAL C 14 22.71 -17.22 -21.84
N ILE C 15 23.23 -16.12 -21.32
CA ILE C 15 24.59 -16.09 -20.77
C ILE C 15 24.53 -16.14 -19.26
N MET C 16 25.24 -17.09 -18.68
CA MET C 16 25.15 -17.26 -17.24
C MET C 16 26.43 -16.92 -16.52
N ASP C 17 26.30 -16.17 -15.43
CA ASP C 17 27.43 -15.86 -14.54
C ASP C 17 27.84 -17.10 -13.77
N VAL C 18 29.13 -17.40 -13.75
CA VAL C 18 29.60 -18.56 -13.01
C VAL C 18 30.84 -18.19 -12.23
N VAL C 19 30.99 -18.75 -11.04
CA VAL C 19 32.13 -18.43 -10.20
C VAL C 19 33.11 -19.60 -10.00
N THR C 20 32.79 -20.77 -10.56
CA THR C 20 33.65 -21.96 -10.51
C THR C 20 33.51 -22.75 -11.80
N PRO C 21 34.49 -23.62 -12.10
CA PRO C 21 34.40 -24.54 -13.25
C PRO C 21 33.15 -25.44 -13.19
N GLU C 22 32.76 -25.88 -12.00
CA GLU C 22 31.61 -26.76 -11.89
C GLU C 22 30.32 -26.01 -12.20
N GLN C 23 30.27 -24.73 -11.84
CA GLN C 23 29.11 -23.94 -12.19
C GLN C 23 29.04 -23.75 -13.70
N ALA C 24 30.20 -23.55 -14.32
CA ALA C 24 30.25 -23.42 -15.76
C ALA C 24 29.74 -24.69 -16.46
N LYS C 25 30.08 -25.87 -15.93
CA LYS C 25 29.61 -27.13 -16.53
C LYS C 25 28.09 -27.23 -16.46
N ILE C 26 27.54 -26.89 -15.30
CA ILE C 26 26.09 -26.83 -15.15
C ILE C 26 25.47 -25.90 -16.18
N ALA C 27 26.01 -24.68 -16.32
CA ALA C 27 25.53 -23.75 -17.33
C ALA C 27 25.54 -24.38 -18.70
N GLU C 28 26.66 -24.98 -19.07
CA GLU C 28 26.79 -25.61 -20.38
C GLU C 28 25.74 -26.71 -20.59
N LYS C 29 25.62 -27.60 -19.63
CA LYS C 29 24.65 -28.69 -19.72
C LYS C 29 23.23 -28.16 -19.85
N SER C 30 22.94 -27.05 -19.15
CA SER C 30 21.59 -26.48 -19.16
C SER C 30 21.23 -25.88 -20.50
N GLY C 31 22.22 -25.64 -21.35
CA GLY C 31 21.96 -25.04 -22.64
C GLY C 31 22.34 -23.57 -22.75
N ALA C 32 23.07 -23.05 -21.76
CA ALA C 32 23.61 -21.68 -21.87
C ALA C 32 24.37 -21.53 -23.18
N CYS C 33 24.22 -20.40 -23.86
CA CYS C 33 25.03 -20.15 -25.07
C CYS C 33 26.44 -19.63 -24.71
N ALA C 34 26.61 -19.11 -23.50
CA ALA C 34 27.93 -18.68 -23.04
C ALA C 34 27.94 -18.51 -21.54
N VAL C 35 29.14 -18.32 -21.01
CA VAL C 35 29.28 -18.22 -19.59
C VAL C 35 30.06 -16.95 -19.30
N MET C 36 29.76 -16.32 -18.17
CA MET C 36 30.43 -15.10 -17.78
C MET C 36 31.25 -15.42 -16.53
N ALA C 37 32.56 -15.52 -16.70
CA ALA C 37 33.46 -15.91 -15.61
C ALA C 37 33.69 -14.75 -14.63
N LEU C 38 33.42 -14.95 -13.35
CA LEU C 38 33.79 -13.97 -12.32
C LEU C 38 34.09 -14.62 -10.98
N GLU C 39 35.10 -14.11 -10.29
CA GLU C 39 35.64 -14.80 -9.12
C GLU C 39 34.81 -14.49 -7.90
N SER C 40 33.97 -13.47 -8.04
CA SER C 40 33.29 -12.93 -6.90
C SER C 40 31.98 -12.36 -7.42
N ILE C 41 30.92 -12.51 -6.64
CA ILE C 41 29.65 -11.89 -7.01
C ILE C 41 29.72 -10.42 -6.62
N PRO C 42 29.79 -9.54 -7.64
CA PRO C 42 29.95 -8.10 -7.39
C PRO C 42 28.80 -7.55 -6.55
N ALA C 43 27.62 -8.17 -6.68
CA ALA C 43 26.47 -7.77 -5.87
C ALA C 43 26.80 -7.81 -4.39
N ASP C 44 27.39 -8.92 -3.94
CA ASP C 44 27.77 -9.11 -2.54
C ASP C 44 28.92 -8.19 -2.15
N MET C 45 29.93 -8.16 -3.01
CA MET C 45 31.07 -7.26 -2.86
C MET C 45 30.60 -5.82 -2.73
N ARG C 46 29.72 -5.41 -3.64
CA ARG C 46 29.18 -4.06 -3.69
C ARG C 46 28.54 -3.68 -2.35
N LYS C 47 27.72 -4.58 -1.80
CA LYS C 47 27.06 -4.34 -0.52
C LYS C 47 28.05 -4.42 0.63
N SER C 48 29.29 -4.81 0.33
CA SER C 48 30.35 -4.83 1.34
C SER C 48 31.22 -3.58 1.28
N GLY C 49 30.99 -2.74 0.27
CA GLY C 49 31.82 -1.57 0.04
C GLY C 49 33.17 -1.85 -0.62
N LYS C 50 33.42 -3.13 -0.89
CA LYS C 50 34.69 -3.57 -1.47
C LYS C 50 34.87 -3.06 -2.91
N VAL C 51 36.12 -2.92 -3.33
CA VAL C 51 36.42 -2.59 -4.71
C VAL C 51 36.39 -3.87 -5.54
N CYS C 52 35.60 -3.88 -6.61
CA CYS C 52 35.50 -5.06 -7.47
C CYS C 52 36.20 -4.79 -8.80
N ARG C 53 37.15 -5.64 -9.11
CA ARG C 53 37.98 -5.50 -10.29
C ARG C 53 37.82 -6.70 -11.22
N MET C 54 38.51 -6.64 -12.35
CA MET C 54 38.79 -7.81 -13.18
C MET C 54 39.13 -9.00 -12.27
N SER C 55 38.59 -10.17 -12.60
CA SER C 55 38.91 -11.40 -11.90
C SER C 55 40.34 -11.88 -12.21
N ASP C 56 40.92 -12.65 -11.32
CA ASP C 56 42.23 -13.26 -11.56
C ASP C 56 42.17 -14.11 -12.83
N PRO C 57 43.03 -13.80 -13.80
CA PRO C 57 43.10 -14.53 -15.07
C PRO C 57 43.22 -16.04 -14.89
N LYS C 58 43.83 -16.50 -13.80
CA LYS C 58 43.89 -17.93 -13.54
C LYS C 58 42.51 -18.54 -13.31
N MET C 59 41.67 -17.86 -12.54
CA MET C 59 40.30 -18.35 -12.33
C MET C 59 39.48 -18.33 -13.63
N ILE C 60 39.73 -17.34 -14.48
CA ILE C 60 39.01 -17.26 -15.75
C ILE C 60 39.46 -18.40 -16.64
N LYS C 61 40.76 -18.68 -16.64
CA LYS C 61 41.32 -19.68 -17.51
C LYS C 61 40.83 -21.06 -17.08
N ASP C 62 40.71 -21.30 -15.78
CA ASP C 62 40.16 -22.57 -15.29
C ASP C 62 38.71 -22.79 -15.76
N ILE C 63 37.95 -21.71 -15.92
CA ILE C 63 36.60 -21.81 -16.46
C ILE C 63 36.64 -22.05 -17.97
N MET C 64 37.50 -21.34 -18.69
CA MET C 64 37.69 -21.55 -20.12
C MET C 64 38.04 -23.00 -20.44
N ASN C 65 38.82 -23.61 -19.55
CA ASN C 65 39.26 -24.98 -19.75
C ASN C 65 38.19 -26.02 -19.45
N SER C 66 37.06 -25.59 -18.87
CA SER C 66 36.08 -26.56 -18.39
C SER C 66 34.82 -26.71 -19.27
N VAL C 67 34.68 -25.88 -20.30
CA VAL C 67 33.51 -25.87 -21.16
C VAL C 67 33.94 -25.53 -22.57
N SER C 68 33.08 -25.80 -23.56
CA SER C 68 33.43 -25.47 -24.94
C SER C 68 32.56 -24.36 -25.54
N ILE C 69 31.66 -23.81 -24.74
CA ILE C 69 30.93 -22.61 -25.15
C ILE C 69 31.78 -21.38 -24.87
N PRO C 70 31.48 -20.26 -25.52
CA PRO C 70 32.27 -19.04 -25.33
C PRO C 70 32.28 -18.56 -23.87
N VAL C 71 33.36 -17.90 -23.48
CA VAL C 71 33.51 -17.39 -22.12
C VAL C 71 33.69 -15.88 -22.16
N MET C 72 32.95 -15.19 -21.30
CA MET C 72 33.09 -13.73 -21.17
C MET C 72 33.75 -13.39 -19.84
N ALA C 73 34.36 -12.21 -19.76
CA ALA C 73 34.86 -11.71 -18.49
C ALA C 73 34.62 -10.22 -18.40
N LYS C 74 34.48 -9.73 -17.18
CA LYS C 74 34.22 -8.31 -16.96
C LYS C 74 35.49 -7.52 -16.72
N VAL C 75 35.48 -6.26 -17.14
CA VAL C 75 36.53 -5.32 -16.73
C VAL C 75 35.85 -4.05 -16.23
N ARG C 76 36.59 -3.26 -15.44
CA ARG C 76 36.04 -2.01 -14.92
C ARG C 76 35.87 -1.01 -16.04
N ILE C 77 34.83 -0.20 -15.94
CA ILE C 77 34.61 0.86 -16.90
C ILE C 77 35.86 1.74 -17.03
N GLY C 78 36.31 1.90 -18.27
CA GLY C 78 37.48 2.71 -18.55
C GLY C 78 38.79 1.98 -18.34
N HIS C 79 38.75 0.76 -17.85
CA HIS C 79 40.02 0.10 -17.54
C HIS C 79 40.60 -0.66 -18.73
N PHE C 80 41.27 0.06 -19.61
CA PHE C 80 41.66 -0.53 -20.89
C PHE C 80 42.81 -1.48 -20.72
N VAL C 81 43.55 -1.36 -19.62
CA VAL C 81 44.59 -2.34 -19.34
C VAL C 81 44.03 -3.68 -18.86
N GLU C 82 43.00 -3.65 -18.02
CA GLU C 82 42.35 -4.91 -17.65
C GLU C 82 41.88 -5.58 -18.95
N ALA C 83 41.32 -4.78 -19.85
CA ALA C 83 40.84 -5.32 -21.11
C ALA C 83 41.99 -5.91 -21.94
N GLN C 84 43.13 -5.23 -22.00
CA GLN C 84 44.29 -5.75 -22.76
C GLN C 84 44.70 -7.10 -22.23
N ILE C 85 44.68 -7.23 -20.92
CA ILE C 85 45.03 -8.47 -20.25
C ILE C 85 44.04 -9.61 -20.59
N ILE C 86 42.75 -9.30 -20.53
CA ILE C 86 41.70 -10.30 -20.76
C ILE C 86 41.76 -10.71 -22.23
N GLU C 87 42.03 -9.74 -23.08
CA GLU C 87 42.19 -9.99 -24.49
C GLU C 87 43.38 -10.92 -24.78
N ALA C 88 44.50 -10.67 -24.11
CA ALA C 88 45.68 -11.54 -24.27
C ALA C 88 45.35 -12.94 -23.78
N LEU C 89 44.44 -13.04 -22.82
CA LEU C 89 44.03 -14.33 -22.27
C LEU C 89 43.16 -15.07 -23.28
N GLU C 90 42.66 -14.37 -24.29
CA GLU C 90 41.82 -14.98 -25.31
C GLU C 90 40.40 -15.41 -24.84
N VAL C 91 39.80 -14.65 -23.93
CA VAL C 91 38.38 -14.83 -23.68
C VAL C 91 37.65 -14.43 -24.96
N ASP C 92 36.38 -14.84 -25.10
CA ASP C 92 35.64 -14.55 -26.33
C ASP C 92 34.95 -13.19 -26.36
N TYR C 93 34.63 -12.64 -25.19
CA TYR C 93 33.93 -11.37 -25.12
C TYR C 93 34.32 -10.67 -23.84
N ILE C 94 34.36 -9.35 -23.88
CA ILE C 94 34.67 -8.56 -22.71
C ILE C 94 33.44 -7.74 -22.37
N ASP C 95 33.00 -7.83 -21.12
CA ASP C 95 31.90 -7.00 -20.64
C ASP C 95 32.50 -5.83 -19.86
N GLU C 96 32.41 -4.62 -20.42
CA GLU C 96 32.84 -3.43 -19.71
C GLU C 96 31.70 -3.06 -18.76
N SER C 97 31.86 -3.41 -17.49
CA SER C 97 30.70 -3.58 -16.61
C SER C 97 30.58 -2.54 -15.50
N GLU C 98 29.43 -1.90 -15.45
CA GLU C 98 29.10 -0.96 -14.36
C GLU C 98 28.93 -1.69 -13.02
N VAL C 99 28.90 -3.02 -13.04
CA VAL C 99 28.75 -3.79 -11.82
C VAL C 99 30.08 -3.82 -11.04
N LEU C 100 31.19 -3.71 -11.75
CA LEU C 100 32.49 -3.58 -11.11
C LEU C 100 32.70 -2.11 -10.75
N THR C 101 33.69 -1.84 -9.94
CA THR C 101 33.98 -0.47 -9.52
C THR C 101 34.62 0.35 -10.67
N PRO C 102 33.96 1.43 -11.14
CA PRO C 102 34.49 2.12 -12.33
C PRO C 102 35.94 2.60 -12.15
N ALA C 103 36.77 2.45 -13.17
CA ALA C 103 38.15 2.91 -13.07
C ALA C 103 38.30 4.31 -13.65
N ASP C 104 37.44 4.64 -14.59
CA ASP C 104 37.42 5.99 -15.16
C ASP C 104 35.99 6.47 -15.17
N TRP C 105 35.70 7.56 -14.46
CA TRP C 105 34.32 8.08 -14.38
C TRP C 105 33.98 9.01 -15.55
N THR C 106 34.96 9.23 -16.41
CA THR C 106 34.78 10.12 -17.55
C THR C 106 34.81 9.40 -18.90
N HIS C 107 35.78 8.50 -19.08
CA HIS C 107 35.95 7.85 -20.36
C HIS C 107 35.78 6.35 -20.27
N HIS C 108 34.97 5.80 -21.18
CA HIS C 108 34.94 4.37 -21.37
C HIS C 108 36.13 3.95 -22.22
N ILE C 109 36.33 2.64 -22.30
CA ILE C 109 37.40 2.06 -23.10
C ILE C 109 37.16 2.33 -24.59
N GLU C 110 38.25 2.56 -25.32
CA GLU C 110 38.22 2.73 -26.76
C GLU C 110 38.18 1.35 -27.37
N LYS C 111 36.97 0.78 -27.43
CA LYS C 111 36.78 -0.64 -27.68
C LYS C 111 37.11 -1.02 -29.13
N ASP C 112 36.98 -0.06 -30.04
CA ASP C 112 37.33 -0.29 -31.44
C ASP C 112 38.83 -0.42 -31.69
N LYS C 113 39.66 -0.32 -30.66
CA LYS C 113 41.09 -0.54 -30.82
C LYS C 113 41.44 -1.96 -30.40
N PHE C 114 40.43 -2.74 -30.03
CA PHE C 114 40.64 -4.12 -29.61
C PHE C 114 40.10 -5.02 -30.68
N LYS C 115 40.54 -6.28 -30.67
CA LYS C 115 40.04 -7.25 -31.62
C LYS C 115 38.92 -8.07 -31.02
N VAL C 116 39.01 -8.30 -29.71
CA VAL C 116 37.94 -8.99 -29.00
C VAL C 116 36.69 -8.08 -28.97
N PRO C 117 35.50 -8.67 -29.15
CA PRO C 117 34.23 -7.90 -29.07
C PRO C 117 33.84 -7.53 -27.62
N PHE C 118 33.28 -6.33 -27.43
CA PHE C 118 32.83 -5.90 -26.11
C PHE C 118 31.32 -5.88 -26.01
N VAL C 119 30.79 -6.18 -24.83
CA VAL C 119 29.42 -5.81 -24.52
C VAL C 119 29.39 -4.66 -23.50
N CYS C 120 28.53 -3.68 -23.75
CA CYS C 120 28.35 -2.55 -22.83
C CYS C 120 26.91 -2.40 -22.38
N GLY C 121 26.73 -1.86 -21.18
CA GLY C 121 25.39 -1.57 -20.70
C GLY C 121 24.90 -0.22 -21.20
N ALA C 122 23.59 -0.04 -21.25
CA ALA C 122 22.98 1.25 -21.57
C ALA C 122 21.61 1.37 -20.94
N LYS C 123 21.29 2.57 -20.45
CA LYS C 123 20.01 2.86 -19.82
C LYS C 123 19.06 3.56 -20.77
N ASP C 124 19.59 4.16 -21.84
CA ASP C 124 18.77 4.91 -22.80
C ASP C 124 19.46 4.97 -24.17
N LEU C 125 18.84 5.67 -25.12
CA LEU C 125 19.36 5.68 -26.50
C LEU C 125 20.74 6.36 -26.58
N GLY C 126 20.86 7.53 -25.97
CA GLY C 126 22.12 8.25 -25.92
C GLY C 126 23.26 7.35 -25.45
N GLU C 127 23.08 6.72 -24.30
CA GLU C 127 24.11 5.79 -23.80
C GLU C 127 24.41 4.66 -24.76
N ALA C 128 23.37 4.07 -25.34
CA ALA C 128 23.61 2.95 -26.25
C ALA C 128 24.43 3.42 -27.44
N LEU C 129 24.10 4.59 -27.98
CA LEU C 129 24.80 5.08 -29.17
C LEU C 129 26.25 5.46 -28.88
N ARG C 130 26.50 6.11 -27.75
CA ARG C 130 27.88 6.40 -27.35
C ARG C 130 28.71 5.13 -27.18
N ARG C 131 28.14 4.09 -26.58
CA ARG C 131 28.84 2.85 -26.43
C ARG C 131 29.10 2.16 -27.76
N ILE C 132 28.15 2.21 -28.66
CA ILE C 132 28.35 1.67 -30.00
C ILE C 132 29.40 2.50 -30.75
N ASN C 133 29.27 3.83 -30.66
CA ASN C 133 30.27 4.70 -31.25
C ASN C 133 31.71 4.41 -30.77
N GLU C 134 31.87 4.09 -29.49
CA GLU C 134 33.17 3.76 -28.92
C GLU C 134 33.67 2.39 -29.38
N GLY C 135 32.76 1.60 -29.94
CA GLY C 135 33.13 0.31 -30.51
C GLY C 135 32.44 -0.92 -29.92
N ALA C 136 31.46 -0.74 -29.04
CA ALA C 136 30.77 -1.90 -28.47
C ALA C 136 30.19 -2.80 -29.57
N ALA C 137 30.38 -4.11 -29.46
CA ALA C 137 29.82 -5.05 -30.42
C ALA C 137 28.41 -5.48 -30.01
N MET C 138 28.07 -5.22 -28.75
CA MET C 138 26.81 -5.69 -28.19
C MET C 138 26.38 -4.77 -27.03
N ILE C 139 25.09 -4.52 -26.96
CA ILE C 139 24.53 -3.69 -25.90
C ILE C 139 23.67 -4.57 -24.99
N ARG C 140 23.60 -4.23 -23.73
CA ARG C 140 22.70 -4.89 -22.81
C ARG C 140 22.11 -3.85 -21.89
N THR C 141 20.94 -4.14 -21.32
CA THR C 141 20.37 -3.20 -20.35
C THR C 141 21.26 -3.19 -19.12
N LYS C 142 21.13 -2.16 -18.29
CA LYS C 142 21.92 -2.13 -17.08
C LYS C 142 21.18 -2.83 -15.96
N GLY C 143 19.85 -2.84 -16.06
CA GLY C 143 19.05 -3.43 -15.02
C GLY C 143 19.58 -3.08 -13.65
N GLU C 144 19.31 -3.95 -12.68
CA GLU C 144 19.72 -3.73 -11.31
C GLU C 144 20.31 -5.01 -10.78
N ALA C 145 21.63 -5.15 -10.89
CA ALA C 145 22.30 -6.43 -10.66
C ALA C 145 22.17 -6.91 -9.22
N GLY C 146 21.93 -8.21 -9.07
CA GLY C 146 21.82 -8.81 -7.74
C GLY C 146 20.52 -8.59 -6.97
N THR C 147 19.57 -7.85 -7.53
CA THR C 147 18.31 -7.58 -6.82
C THR C 147 17.18 -8.56 -7.15
N GLY C 148 17.26 -9.26 -8.28
CA GLY C 148 16.19 -10.13 -8.70
C GLY C 148 14.91 -9.39 -9.08
N ASP C 149 15.02 -8.08 -9.28
CA ASP C 149 13.89 -7.21 -9.66
C ASP C 149 14.05 -6.79 -11.12
N VAL C 150 13.16 -7.31 -11.97
CA VAL C 150 13.28 -7.16 -13.42
C VAL C 150 12.93 -5.75 -13.93
N SER C 151 12.35 -4.91 -13.06
CA SER C 151 11.79 -3.63 -13.53
C SER C 151 12.80 -2.63 -14.10
N GLU C 152 14.04 -2.62 -13.61
CA GLU C 152 15.07 -1.73 -14.18
C GLU C 152 15.43 -2.12 -15.60
N ALA C 153 15.62 -3.42 -15.84
CA ALA C 153 15.88 -3.90 -17.18
C ALA C 153 14.71 -3.57 -18.10
N VAL C 154 13.50 -3.78 -17.60
CA VAL C 154 12.32 -3.45 -18.39
C VAL C 154 12.30 -1.98 -18.73
N LYS C 155 12.56 -1.15 -17.73
CA LYS C 155 12.60 0.29 -17.93
C LYS C 155 13.60 0.70 -19.04
N HIS C 156 14.76 0.05 -19.09
CA HIS C 156 15.77 0.46 -20.05
C HIS C 156 15.41 0.07 -21.46
N ILE C 157 14.92 -1.15 -21.64
CA ILE C 157 14.55 -1.60 -22.96
C ILE C 157 13.38 -0.76 -23.48
N ARG C 158 12.41 -0.48 -22.61
CA ARG C 158 11.30 0.40 -22.95
C ARG C 158 11.78 1.80 -23.33
N ARG C 159 12.73 2.34 -22.56
CA ARG C 159 13.22 3.69 -22.83
C ARG C 159 13.94 3.83 -24.17
N ILE C 160 14.81 2.87 -24.47
CA ILE C 160 15.49 2.90 -25.76
C ILE C 160 14.47 2.85 -26.89
N THR C 161 13.53 1.92 -26.80
CA THR C 161 12.48 1.80 -27.83
C THR C 161 11.69 3.10 -27.97
N GLU C 162 11.33 3.70 -26.85
CA GLU C 162 10.54 4.93 -26.86
C GLU C 162 11.31 6.09 -27.47
N GLU C 163 12.59 6.22 -27.12
CA GLU C 163 13.39 7.32 -27.63
C GLU C 163 13.62 7.18 -29.13
N ILE C 164 13.79 5.95 -29.60
CA ILE C 164 13.91 5.70 -31.02
C ILE C 164 12.65 6.18 -31.73
N LYS C 165 11.50 5.79 -31.20
CA LYS C 165 10.23 6.18 -31.82
C LYS C 165 10.07 7.69 -31.80
N ALA C 166 10.36 8.31 -30.67
CA ALA C 166 10.27 9.77 -30.57
C ALA C 166 11.17 10.48 -31.58
N CYS C 167 12.38 9.97 -31.78
CA CYS C 167 13.29 10.56 -32.74
C CYS C 167 12.79 10.40 -34.17
N GLN C 168 12.07 9.31 -34.43
CA GLN C 168 11.49 9.06 -35.75
C GLN C 168 10.39 10.05 -36.06
N GLN C 169 9.87 10.70 -35.02
CA GLN C 169 8.82 11.71 -35.16
C GLN C 169 9.38 13.07 -35.59
N LEU C 170 10.68 13.27 -35.42
CA LEU C 170 11.33 14.49 -35.88
C LEU C 170 11.45 14.45 -37.40
N LYS C 171 11.12 15.57 -38.04
CA LYS C 171 11.19 15.69 -39.50
C LYS C 171 12.32 16.59 -39.95
N SER C 172 12.80 17.41 -39.03
CA SER C 172 13.94 18.25 -39.27
C SER C 172 15.24 17.48 -39.11
N GLU C 173 15.98 17.31 -40.18
CA GLU C 173 17.28 16.71 -40.13
C GLU C 173 18.25 17.52 -39.30
N ASP C 174 17.98 18.80 -39.21
CA ASP C 174 18.72 19.68 -38.31
C ASP C 174 18.41 19.30 -36.87
N ASP C 175 17.13 19.07 -36.59
CA ASP C 175 16.70 18.60 -35.27
C ASP C 175 17.39 17.27 -34.92
N ILE C 176 17.40 16.34 -35.87
CA ILE C 176 18.13 15.10 -35.71
C ILE C 176 19.59 15.38 -35.34
N ALA C 177 20.25 16.22 -36.13
CA ALA C 177 21.66 16.56 -35.90
C ALA C 177 21.86 17.19 -34.52
N LYS C 178 20.89 17.97 -34.07
CA LYS C 178 20.98 18.58 -32.76
C LYS C 178 20.88 17.52 -31.66
N VAL C 179 20.01 16.53 -31.86
CA VAL C 179 19.91 15.40 -30.95
C VAL C 179 21.23 14.62 -30.91
N ALA C 180 21.80 14.34 -32.08
CA ALA C 180 23.07 13.64 -32.15
C ALA C 180 24.18 14.40 -31.41
N GLU C 181 24.16 15.73 -31.55
CA GLU C 181 25.18 16.54 -30.89
C GLU C 181 25.00 16.47 -29.38
N GLU C 182 23.76 16.59 -28.93
CA GLU C 182 23.46 16.41 -27.51
C GLU C 182 23.89 15.02 -27.00
N MET C 183 23.72 13.99 -27.82
CA MET C 183 24.12 12.64 -27.44
C MET C 183 25.62 12.42 -27.58
N ARG C 184 26.30 13.33 -28.26
CA ARG C 184 27.73 13.21 -28.51
C ARG C 184 28.04 12.03 -29.42
N VAL C 185 27.25 11.86 -30.47
CA VAL C 185 27.54 10.81 -31.44
C VAL C 185 27.43 11.36 -32.87
N PRO C 186 28.07 10.70 -33.84
CA PRO C 186 27.95 11.10 -35.26
C PRO C 186 26.49 11.02 -35.71
N VAL C 187 26.03 12.05 -36.42
CA VAL C 187 24.65 12.07 -36.89
C VAL C 187 24.32 10.85 -37.74
N SER C 188 25.31 10.31 -38.46
CA SER C 188 25.05 9.15 -39.31
C SER C 188 24.66 7.92 -38.50
N LEU C 189 25.22 7.78 -37.30
CA LEU C 189 24.85 6.70 -36.39
C LEU C 189 23.39 6.85 -36.00
N LEU C 190 23.02 8.05 -35.54
CA LEU C 190 21.65 8.28 -35.12
C LEU C 190 20.68 8.06 -36.29
N LYS C 191 21.06 8.53 -37.47
CA LYS C 191 20.19 8.40 -38.64
C LYS C 191 19.98 6.95 -39.03
N ASP C 192 21.01 6.13 -38.92
CA ASP C 192 20.89 4.72 -39.25
C ASP C 192 19.87 4.05 -38.32
N VAL C 193 19.98 4.33 -37.02
CA VAL C 193 19.02 3.86 -36.03
C VAL C 193 17.59 4.27 -36.37
N LEU C 194 17.40 5.54 -36.72
CA LEU C 194 16.05 6.04 -37.03
C LEU C 194 15.44 5.41 -38.28
N GLU C 195 16.27 5.06 -39.24
CA GLU C 195 15.77 4.43 -40.46
C GLU C 195 15.41 2.97 -40.20
N LYS C 196 16.34 2.25 -39.59
CA LYS C 196 16.15 0.84 -39.30
C LYS C 196 15.17 0.60 -38.15
N GLY C 197 14.90 1.64 -37.37
CA GLY C 197 14.05 1.52 -36.20
C GLY C 197 14.61 0.64 -35.09
N LYS C 198 15.93 0.46 -35.08
CA LYS C 198 16.58 -0.43 -34.11
C LYS C 198 18.07 -0.16 -34.04
N LEU C 199 18.70 -0.61 -32.95
CA LEU C 199 20.14 -0.47 -32.80
C LEU C 199 20.86 -1.32 -33.83
N PRO C 200 22.04 -0.88 -34.27
CA PRO C 200 22.82 -1.63 -35.25
C PRO C 200 23.49 -2.86 -34.66
N VAL C 201 23.34 -3.10 -33.35
CA VAL C 201 23.90 -4.32 -32.75
C VAL C 201 22.82 -5.02 -31.92
N VAL C 202 23.05 -6.26 -31.52
CA VAL C 202 22.11 -6.94 -30.62
C VAL C 202 22.03 -6.25 -29.25
N ASN C 203 20.82 -6.27 -28.69
CA ASN C 203 20.56 -5.73 -27.36
C ASN C 203 20.06 -6.85 -26.44
N PHE C 204 20.85 -7.19 -25.43
CA PHE C 204 20.51 -8.24 -24.48
C PHE C 204 19.88 -7.70 -23.20
N ALA C 205 19.03 -8.51 -22.56
CA ALA C 205 18.50 -8.14 -21.25
C ALA C 205 19.50 -8.53 -20.16
N ALA C 206 19.71 -7.65 -19.21
CA ALA C 206 20.62 -7.98 -18.11
C ALA C 206 20.27 -7.23 -16.84
N GLY C 207 20.41 -7.91 -15.70
CA GLY C 207 20.22 -7.28 -14.41
C GLY C 207 18.83 -7.53 -13.89
N GLY C 208 18.69 -8.38 -12.88
CA GLY C 208 17.41 -8.60 -12.26
C GLY C 208 16.52 -9.64 -12.91
N VAL C 209 17.03 -10.38 -13.89
CA VAL C 209 16.28 -11.50 -14.47
C VAL C 209 16.33 -12.69 -13.53
N ALA C 210 15.22 -12.97 -12.85
CA ALA C 210 15.22 -13.96 -11.78
C ALA C 210 14.45 -15.23 -12.14
N THR C 211 13.46 -15.10 -13.01
CA THR C 211 12.59 -16.24 -13.32
C THR C 211 12.51 -16.48 -14.82
N PRO C 212 12.11 -17.70 -15.21
CA PRO C 212 11.81 -17.96 -16.61
C PRO C 212 10.83 -16.93 -17.20
N ALA C 213 9.78 -16.59 -16.46
CA ALA C 213 8.84 -15.56 -16.93
C ALA C 213 9.54 -14.22 -17.22
N ASP C 214 10.48 -13.83 -16.35
CA ASP C 214 11.26 -12.59 -16.55
C ASP C 214 12.01 -12.65 -17.88
N ALA C 215 12.67 -13.77 -18.13
CA ALA C 215 13.47 -13.94 -19.33
C ALA C 215 12.57 -13.82 -20.56
N ALA C 216 11.43 -14.50 -20.54
CA ALA C 216 10.53 -14.44 -21.69
C ALA C 216 9.96 -13.03 -21.86
N LEU C 217 9.69 -12.36 -20.75
CA LEU C 217 9.16 -11.01 -20.80
C LEU C 217 10.12 -10.10 -21.59
N LEU C 218 11.40 -10.20 -21.28
CA LEU C 218 12.37 -9.32 -21.93
C LEU C 218 12.55 -9.67 -23.41
N MET C 219 12.45 -10.96 -23.73
CA MET C 219 12.50 -11.35 -25.14
C MET C 219 11.29 -10.78 -25.88
N GLN C 220 10.09 -10.88 -25.29
CA GLN C 220 8.89 -10.33 -25.93
C GLN C 220 8.99 -8.80 -26.05
N LEU C 221 9.74 -8.16 -25.15
CA LEU C 221 9.91 -6.71 -25.24
C LEU C 221 10.93 -6.37 -26.31
N GLY C 222 11.55 -7.39 -26.89
CA GLY C 222 12.41 -7.15 -28.04
C GLY C 222 13.89 -7.36 -27.79
N CYS C 223 14.26 -7.90 -26.64
CA CYS C 223 15.67 -8.23 -26.41
C CYS C 223 16.09 -9.38 -27.29
N ASP C 224 17.39 -9.51 -27.52
CA ASP C 224 17.92 -10.55 -28.41
C ASP C 224 18.48 -11.71 -27.63
N GLY C 225 18.47 -11.62 -26.31
CA GLY C 225 19.02 -12.66 -25.47
C GLY C 225 19.04 -12.16 -24.03
N VAL C 226 19.48 -13.00 -23.10
CA VAL C 226 19.48 -12.57 -21.71
C VAL C 226 20.72 -13.02 -20.95
N PHE C 227 21.19 -12.14 -20.06
CA PHE C 227 22.21 -12.47 -19.08
C PHE C 227 21.49 -12.76 -17.78
N VAL C 228 21.84 -13.87 -17.15
CA VAL C 228 21.37 -14.12 -15.78
C VAL C 228 22.54 -14.20 -14.81
N GLY C 229 22.31 -13.72 -13.59
CA GLY C 229 23.36 -13.66 -12.59
C GLY C 229 23.45 -14.87 -11.65
N SER C 230 24.20 -14.68 -10.58
CA SER C 230 24.51 -15.77 -9.65
C SER C 230 23.30 -16.26 -8.84
N GLY C 231 22.19 -15.53 -8.90
CA GLY C 231 20.96 -16.00 -8.31
C GLY C 231 20.60 -17.42 -8.72
N ILE C 232 20.88 -17.77 -9.97
CA ILE C 232 20.62 -19.12 -10.45
C ILE C 232 21.19 -20.14 -9.48
N PHE C 233 22.41 -19.90 -9.03
CA PHE C 233 23.13 -20.90 -8.25
C PHE C 233 22.88 -20.80 -6.76
N LYS C 234 22.12 -19.80 -6.36
CA LYS C 234 21.68 -19.69 -4.98
C LYS C 234 20.31 -20.34 -4.77
N SER C 235 19.66 -20.70 -5.87
CA SER C 235 18.36 -21.34 -5.77
C SER C 235 18.51 -22.77 -5.27
N SER C 236 17.42 -23.34 -4.77
CA SER C 236 17.46 -24.66 -4.18
C SER C 236 17.68 -25.76 -5.21
N ASN C 237 17.57 -25.40 -6.49
CA ASN C 237 17.72 -26.36 -7.59
C ASN C 237 18.27 -25.68 -8.85
N PRO C 238 19.59 -25.44 -8.88
CA PRO C 238 20.26 -24.67 -9.93
C PRO C 238 20.09 -25.24 -11.33
N VAL C 239 20.32 -26.53 -11.51
CA VAL C 239 20.18 -27.15 -12.82
C VAL C 239 18.75 -26.96 -13.37
N ARG C 240 17.75 -27.18 -12.52
CA ARG C 240 16.38 -27.04 -12.95
C ARG C 240 16.08 -25.59 -13.33
N LEU C 241 16.54 -24.66 -12.51
CA LEU C 241 16.28 -23.26 -12.76
C LEU C 241 17.01 -22.81 -14.04
N ALA C 242 18.28 -23.17 -14.17
CA ALA C 242 19.05 -22.80 -15.34
C ALA C 242 18.39 -23.34 -16.63
N THR C 243 17.96 -24.59 -16.58
CA THR C 243 17.31 -25.21 -17.72
C THR C 243 16.02 -24.50 -18.08
N ALA C 244 15.24 -24.15 -17.06
CA ALA C 244 13.96 -23.47 -17.24
C ALA C 244 14.15 -22.10 -17.86
N VAL C 245 15.19 -21.40 -17.44
CA VAL C 245 15.46 -20.08 -18.01
C VAL C 245 15.87 -20.16 -19.47
N VAL C 246 16.72 -21.14 -19.82
CA VAL C 246 17.09 -21.37 -21.22
C VAL C 246 15.89 -21.72 -22.09
N GLU C 247 15.05 -22.64 -21.62
CA GLU C 247 13.83 -23.01 -22.33
C GLU C 247 12.92 -21.80 -22.55
N ALA C 248 12.74 -20.98 -21.50
CA ALA C 248 11.85 -19.82 -21.60
C ALA C 248 12.40 -18.79 -22.57
N THR C 249 13.72 -18.66 -22.60
CA THR C 249 14.35 -17.74 -23.52
C THR C 249 14.20 -18.22 -24.97
N THR C 250 14.33 -19.52 -25.18
CA THR C 250 14.10 -20.11 -26.49
C THR C 250 12.63 -20.05 -26.91
N HIS C 251 11.71 -20.50 -26.05
CA HIS C 251 10.29 -20.56 -26.40
C HIS C 251 9.51 -19.39 -25.81
N PHE C 252 10.05 -18.18 -25.99
CA PHE C 252 9.58 -17.03 -25.22
C PHE C 252 8.18 -16.55 -25.53
N ASP C 253 7.61 -17.04 -26.62
CA ASP C 253 6.27 -16.75 -27.04
C ASP C 253 5.39 -17.99 -27.11
N ASN C 254 5.62 -18.96 -26.24
CA ASN C 254 4.80 -20.15 -26.18
C ASN C 254 4.32 -20.34 -24.74
N PRO C 255 3.11 -19.82 -24.42
CA PRO C 255 2.61 -19.78 -23.03
C PRO C 255 2.54 -21.13 -22.33
N SER C 256 2.11 -22.19 -23.02
CA SER C 256 2.02 -23.50 -22.37
C SER C 256 3.40 -24.08 -22.06
N LYS C 257 4.36 -23.85 -22.95
CA LYS C 257 5.75 -24.15 -22.61
C LYS C 257 6.25 -23.32 -21.41
N LEU C 258 5.95 -22.03 -21.40
CA LEU C 258 6.34 -21.19 -20.29
C LEU C 258 5.70 -21.67 -19.01
N LEU C 259 4.43 -22.06 -19.09
CA LEU C 259 3.74 -22.60 -17.92
C LEU C 259 4.46 -23.83 -17.40
N GLU C 260 4.77 -24.73 -18.32
CA GLU C 260 5.43 -25.99 -17.96
C GLU C 260 6.79 -25.78 -17.28
N VAL C 261 7.64 -24.91 -17.83
CA VAL C 261 8.95 -24.71 -17.19
C VAL C 261 8.91 -23.89 -15.90
N SER C 262 7.82 -23.15 -15.68
CA SER C 262 7.70 -22.31 -14.48
C SER C 262 7.16 -23.09 -13.30
N SER C 263 6.60 -24.25 -13.57
CA SER C 263 5.94 -25.01 -12.51
C SER C 263 6.90 -25.77 -11.62
N ASP C 264 6.67 -25.67 -10.31
CA ASP C 264 7.48 -26.41 -9.34
C ASP C 264 8.97 -26.10 -9.49
N LEU C 265 9.31 -24.81 -9.45
CA LEU C 265 10.70 -24.41 -9.63
C LEU C 265 11.49 -24.46 -8.33
N GLY C 266 10.78 -24.50 -7.21
CA GLY C 266 11.43 -24.53 -5.92
C GLY C 266 11.73 -23.13 -5.42
N GLU C 267 12.51 -23.05 -4.35
CA GLU C 267 12.83 -21.78 -3.72
C GLU C 267 13.86 -20.96 -4.52
N LEU C 268 13.50 -19.74 -4.87
CA LEU C 268 14.40 -18.83 -5.57
C LEU C 268 15.09 -17.85 -4.62
N MET C 269 15.60 -16.75 -5.18
CA MET C 269 16.33 -15.71 -4.45
C MET C 269 16.52 -16.01 -2.97
#